data_4IR9
#
_entry.id   4IR9
#
_cell.length_a   86.760
_cell.length_b   57.040
_cell.length_c   110.700
_cell.angle_alpha   90.00
_cell.angle_beta   94.76
_cell.angle_gamma   90.00
#
_symmetry.space_group_name_H-M   'P 1 21 1'
#
loop_
_entity.id
_entity.type
_entity.pdbx_description
1 polymer "DNA (5'-D(P*TP*CP*TP*CP*GP*GP*GP*TP*CP*CP*TP*AP*GP*GP*AP*CP*CP*C)-3')"
2 polymer "DNA (5'-D(P*CP*TP*AP*GP*GP*GP*TP*CP*CP*TP*AP*GP*GP*AP*CP*CP*C)-3')"
3 polymer "DNA (5'-D(P*GP*GP*GP*TP*CP*CP*TP*AP*GP*GP*AP*CP*CP*C)-3')"
4 polymer 'DNA polymerase IV'
5 non-polymer "2'-deoxy-5'-O-[(R)-hydroxy{[(R)-hydroxy(phosphonooxy)phosphoryl]amino}phosphoryl]guanosine"
6 non-polymer 'MAGNESIUM ION'
7 water water
#
loop_
_entity_poly.entity_id
_entity_poly.type
_entity_poly.pdbx_seq_one_letter_code
_entity_poly.pdbx_strand_id
1 'polydeoxyribonucleotide' (DT)(DC)(DT)(DC)(DG)(DG)(DG)(DT)(DC)(DC)(DT)(DA)(DG)(DG)(DA)(DC)(DC)(DC) G,B
2 'polydeoxyribonucleotide' (DC)(DT)(DA)(DG)(DG)(DG)(DT)(DC)(DC)(DT)(DA)(DG)(DG)(DA)(DC)(DC)(DC) C
3 'polydeoxyribonucleotide' (DG)(DG)(DG)(DT)(DC)(DC)(DT)(DA)(DG)(DG)(DA)(DC)(DC)(DC) H
4 'polypeptide(L)'
;GSRKIIHVDMDCFFAAVEMRDNPALRDIPIAIGGSRERRGVISTANYPARKFGVRSAMPTGMALKLCPHLTLLPGRFDAY
KEASNHIREIFSRYTSRIEPLSLDEAYLDVTDSVHCHGSATLIAQEIRQTIFNELQLTASAGVAPVKFLAKIASDMNKPN
GQFVITPAEVPAFLQTLPLAKIPGVGKVSAAKLEAMGLRTCGDVQKCDLVMLLKRFGKFGRILWERSQGIDERDVNSERL
RKSVGVERTMAEDIHHWSECEAIIERLYPELERRLAKVKPDLLIARQGVKLKFDDFQQTTQEHVWPRLNKADLIATARKT
WDERRGGRGVRLVGLHVTLLDPQMERQLVLGL
;
F,A
#
# COMPACT_ATOMS: atom_id res chain seq x y z
N GLY E 1 -36.46 27.68 -9.29
CA GLY E 1 -36.16 26.24 -9.01
C GLY E 1 -35.37 25.97 -7.74
N SER E 2 -35.26 26.98 -6.87
CA SER E 2 -34.57 26.82 -5.59
C SER E 2 -35.52 26.23 -4.53
N ARG E 3 -34.98 25.25 -3.81
CA ARG E 3 -35.66 24.61 -2.70
C ARG E 3 -35.21 25.22 -1.40
N LYS E 4 -35.89 24.87 -0.32
CA LYS E 4 -35.46 25.25 1.00
C LYS E 4 -35.32 24.00 1.87
N ILE E 5 -34.07 23.69 2.23
CA ILE E 5 -33.78 22.53 3.05
C ILE E 5 -33.31 22.93 4.44
N ILE E 6 -33.77 22.21 5.44
CA ILE E 6 -33.31 22.41 6.77
C ILE E 6 -32.65 21.11 7.25
N HIS E 7 -31.48 21.19 7.83
CA HIS E 7 -30.99 20.10 8.62
C HIS E 7 -31.04 20.50 10.07
N VAL E 8 -31.76 19.71 10.86
CA VAL E 8 -31.85 19.87 12.31
C VAL E 8 -31.03 18.76 13.00
N ASP E 9 -30.21 19.11 13.99
CA ASP E 9 -29.27 18.19 14.65
C ASP E 9 -29.29 18.49 16.12
N MET E 10 -29.71 17.57 16.97
CA MET E 10 -29.66 17.81 18.40
C MET E 10 -28.23 17.96 18.84
N ASP E 11 -28.08 18.75 19.88
CA ASP E 11 -26.78 19.03 20.46
C ASP E 11 -26.35 17.97 21.43
N CYS E 12 -25.12 17.49 21.30
CA CYS E 12 -24.60 16.54 22.29
C CYS E 12 -25.57 15.46 22.67
N PHE E 13 -26.19 14.83 21.69
CA PHE E 13 -27.48 14.23 21.91
C PHE E 13 -27.62 13.34 23.15
N PHE E 14 -26.86 12.25 23.22
CA PHE E 14 -27.06 11.25 24.26
C PHE E 14 -26.77 11.87 25.61
N ALA E 15 -25.71 12.66 25.64
CA ALA E 15 -25.31 13.31 26.85
C ALA E 15 -26.29 14.39 27.28
N ALA E 16 -26.84 15.15 26.32
CA ALA E 16 -27.89 16.11 26.62
C ALA E 16 -29.07 15.49 27.39
N VAL E 17 -29.43 14.25 27.07
CA VAL E 17 -30.61 13.64 27.63
C VAL E 17 -30.29 13.09 29.00
N GLU E 18 -29.05 12.66 29.20
CA GLU E 18 -28.60 12.30 30.53
C GLU E 18 -28.56 13.50 31.47
N MET E 19 -28.05 14.62 31.02
CA MET E 19 -27.94 15.78 31.90
C MET E 19 -29.28 16.41 32.21
N ARG E 20 -30.19 16.37 31.26
CA ARG E 20 -31.54 16.80 31.55
C ARG E 20 -32.12 15.96 32.67
N ASP E 21 -32.01 14.65 32.50
CA ASP E 21 -32.57 13.66 33.40
C ASP E 21 -31.89 13.61 34.77
N ASN E 22 -30.67 14.11 34.88
CA ASN E 22 -30.00 14.18 36.15
C ASN E 22 -29.04 15.36 36.17
N PRO E 23 -29.46 16.49 36.71
CA PRO E 23 -28.68 17.71 36.51
C PRO E 23 -27.35 17.85 37.26
N ALA E 24 -26.96 16.89 38.07
CA ALA E 24 -25.64 16.98 38.73
C ALA E 24 -24.58 16.72 37.71
N LEU E 25 -25.02 16.29 36.53
CA LEU E 25 -24.14 16.00 35.41
C LEU E 25 -23.83 17.21 34.55
N ARG E 26 -24.60 18.28 34.70
CA ARG E 26 -24.49 19.46 33.85
C ARG E 26 -23.08 19.98 33.66
N ASP E 27 -22.41 20.26 34.77
CA ASP E 27 -21.16 21.02 34.74
C ASP E 27 -19.93 20.15 34.98
N ILE E 28 -20.14 18.85 35.07
CA ILE E 28 -19.02 17.95 35.25
C ILE E 28 -18.86 17.21 33.91
N PRO E 29 -17.63 16.79 33.56
CA PRO E 29 -17.43 16.12 32.29
C PRO E 29 -17.95 14.75 32.22
N ILE E 30 -18.79 14.44 31.24
CA ILE E 30 -19.32 13.10 31.10
C ILE E 30 -19.33 12.62 29.69
N ALA E 31 -19.53 11.33 29.56
CA ALA E 31 -19.57 10.71 28.27
C ALA E 31 -20.30 9.40 28.35
N ILE E 32 -20.93 9.01 27.24
CA ILE E 32 -21.55 7.73 27.10
C ILE E 32 -20.58 6.90 26.32
N GLY E 33 -20.30 5.69 26.77
CA GLY E 33 -19.32 4.82 26.08
C GLY E 33 -19.01 3.62 26.95
N GLY E 34 -18.39 2.60 26.38
CA GLY E 34 -18.01 1.42 27.12
C GLY E 34 -16.84 1.74 28.04
N SER E 35 -16.73 1.01 29.14
CA SER E 35 -15.57 1.13 30.03
C SER E 35 -14.32 0.67 29.30
N ARG E 36 -13.17 1.05 29.84
CA ARG E 36 -11.87 0.64 29.26
C ARG E 36 -11.59 -0.84 29.49
N GLU E 37 -12.16 -1.43 30.54
CA GLU E 37 -12.06 -2.87 30.78
C GLU E 37 -12.92 -3.62 29.75
N ARG E 38 -13.98 -2.98 29.25
CA ARG E 38 -14.77 -3.60 28.20
C ARG E 38 -14.27 -3.27 26.83
N ARG E 39 -13.22 -2.44 26.75
CA ARG E 39 -12.48 -2.11 25.49
C ARG E 39 -13.33 -1.15 24.64
N GLY E 40 -14.03 -0.27 25.33
CA GLY E 40 -15.01 0.58 24.68
C GLY E 40 -14.46 1.85 24.04
N VAL E 41 -15.34 2.52 23.29
CA VAL E 41 -15.06 3.80 22.74
C VAL E 41 -16.12 4.73 23.23
N ILE E 42 -15.90 6.01 23.02
CA ILE E 42 -16.85 7.02 23.41
C ILE E 42 -17.86 7.20 22.31
N SER E 43 -19.18 7.15 22.69
CA SER E 43 -20.30 7.41 21.80
C SER E 43 -20.43 8.89 21.64
N THR E 44 -20.38 9.61 22.78
CA THR E 44 -20.39 11.03 22.76
C THR E 44 -20.03 11.59 24.09
N ALA E 45 -19.80 12.89 24.10
CA ALA E 45 -19.40 13.57 25.30
C ALA E 45 -20.08 14.92 25.43
N ASN E 46 -20.16 15.42 26.66
CA ASN E 46 -20.68 16.75 26.87
C ASN E 46 -19.59 17.80 26.75
N TYR E 47 -19.99 19.06 26.75
CA TYR E 47 -19.03 20.14 26.50
C TYR E 47 -17.93 20.24 27.56
N PRO E 48 -18.28 20.12 28.82
CA PRO E 48 -17.16 20.07 29.77
C PRO E 48 -16.10 19.01 29.46
N ALA E 49 -16.45 17.88 28.83
CA ALA E 49 -15.48 16.83 28.55
C ALA E 49 -14.74 16.98 27.20
N ARG E 50 -15.42 17.51 26.19
CA ARG E 50 -14.81 17.91 24.92
C ARG E 50 -13.68 18.95 25.09
N LYS E 51 -13.87 19.83 26.05
CA LYS E 51 -12.85 20.79 26.42
C LYS E 51 -11.49 20.16 26.66
N PHE E 52 -11.49 18.93 27.16
CA PHE E 52 -10.27 18.15 27.38
C PHE E 52 -9.84 17.34 26.20
N GLY E 53 -10.60 17.33 25.12
CA GLY E 53 -10.20 16.55 23.93
C GLY E 53 -11.02 15.31 23.66
N VAL E 54 -12.03 15.05 24.49
CA VAL E 54 -12.84 13.86 24.33
C VAL E 54 -13.80 14.03 23.13
N ARG E 55 -13.88 13.02 22.27
CA ARG E 55 -14.66 13.03 21.02
C ARG E 55 -15.37 11.70 20.92
N SER E 56 -16.36 11.62 20.04
CA SER E 56 -16.95 10.34 19.65
C SER E 56 -15.91 9.50 18.99
N ALA E 57 -15.97 8.20 19.15
CA ALA E 57 -15.04 7.28 18.46
C ALA E 57 -13.63 7.18 19.09
N MET E 58 -13.35 7.96 20.10
CA MET E 58 -12.11 7.86 20.84
C MET E 58 -12.14 6.63 21.76
N PRO E 59 -11.05 5.85 21.80
CA PRO E 59 -11.04 4.79 22.81
C PRO E 59 -11.16 5.27 24.23
N THR E 60 -11.93 4.55 25.05
CA THR E 60 -12.22 5.06 26.38
C THR E 60 -10.95 5.22 27.23
N GLY E 61 -10.02 4.28 27.10
CA GLY E 61 -8.70 4.47 27.67
C GLY E 61 -8.15 5.85 27.43
N MET E 62 -8.12 6.26 26.17
CA MET E 62 -7.64 7.58 25.80
C MET E 62 -8.46 8.72 26.39
N ALA E 63 -9.77 8.57 26.50
CA ALA E 63 -10.57 9.64 27.12
C ALA E 63 -10.19 9.92 28.57
N LEU E 64 -10.03 8.87 29.35
CA LEU E 64 -9.71 9.01 30.77
C LEU E 64 -8.24 9.50 31.01
N LYS E 65 -7.29 9.14 30.12
CA LYS E 65 -5.95 9.78 30.19
C LYS E 65 -6.10 11.28 30.05
N LEU E 66 -6.83 11.70 29.03
CA LEU E 66 -7.12 13.09 28.77
C LEU E 66 -8.00 13.75 29.80
N CYS E 67 -8.91 13.02 30.45
CA CYS E 67 -9.89 13.67 31.34
C CYS E 67 -10.21 12.76 32.50
N PRO E 68 -9.33 12.74 33.51
CA PRO E 68 -9.36 11.64 34.45
C PRO E 68 -10.55 11.63 35.37
N HIS E 69 -11.26 12.74 35.47
CA HIS E 69 -12.53 12.78 36.22
C HIS E 69 -13.73 12.39 35.39
N LEU E 70 -13.52 11.82 34.20
CA LEU E 70 -14.65 11.60 33.28
C LEU E 70 -15.65 10.66 33.88
N THR E 71 -16.89 11.10 34.04
CA THR E 71 -17.96 10.17 34.45
C THR E 71 -18.54 9.51 33.21
N LEU E 72 -18.49 8.18 33.23
CA LEU E 72 -18.82 7.35 32.11
C LEU E 72 -20.17 6.74 32.35
N LEU E 73 -21.10 6.96 31.41
CA LEU E 73 -22.42 6.38 31.45
C LEU E 73 -22.53 5.30 30.37
N PRO E 74 -23.36 4.27 30.62
CA PRO E 74 -23.58 3.20 29.67
C PRO E 74 -24.63 3.55 28.61
N GLY E 75 -25.54 4.45 28.94
CA GLY E 75 -26.45 4.96 27.95
C GLY E 75 -27.75 4.19 28.00
N ARG E 76 -28.82 4.87 27.65
CA ARG E 76 -30.15 4.37 27.86
C ARG E 76 -30.90 4.57 26.58
N PHE E 77 -30.83 3.57 25.74
CA PHE E 77 -31.36 3.70 24.42
C PHE E 77 -32.86 4.03 24.29
N ASP E 78 -33.71 3.58 25.22
CA ASP E 78 -35.15 3.86 25.13
C ASP E 78 -35.39 5.30 25.39
N ALA E 79 -34.57 5.91 26.25
CA ALA E 79 -34.68 7.34 26.49
C ALA E 79 -34.35 8.17 25.25
N TYR E 80 -33.32 7.76 24.50
CA TYR E 80 -32.92 8.47 23.29
C TYR E 80 -33.97 8.26 22.17
N LYS E 81 -34.46 7.04 22.01
CA LYS E 81 -35.59 6.81 21.12
C LYS E 81 -36.88 7.55 21.51
N GLU E 82 -37.14 7.69 22.80
CA GLU E 82 -38.33 8.44 23.24
C GLU E 82 -38.16 9.86 22.74
N ALA E 83 -36.98 10.43 22.92
CA ALA E 83 -36.74 11.78 22.46
C ALA E 83 -36.75 11.93 20.94
N SER E 84 -36.13 11.00 20.25
CA SER E 84 -36.12 10.99 18.79
C SER E 84 -37.55 11.02 18.25
N ASN E 85 -38.39 10.11 18.70
CA ASN E 85 -39.79 10.04 18.20
C ASN E 85 -40.53 11.36 18.38
N HIS E 86 -40.38 11.96 19.52
CA HIS E 86 -41.02 13.21 19.81
C HIS E 86 -40.52 14.30 18.82
N ILE E 87 -39.20 14.41 18.62
CA ILE E 87 -38.69 15.44 17.71
C ILE E 87 -39.18 15.20 16.27
N ARG E 88 -39.29 13.97 15.82
CA ARG E 88 -39.86 13.74 14.49
C ARG E 88 -41.34 14.06 14.46
N GLU E 89 -42.02 13.87 15.58
CA GLU E 89 -43.44 14.21 15.62
C GLU E 89 -43.49 15.71 15.48
N ILE E 90 -42.59 16.42 16.17
CA ILE E 90 -42.49 17.89 15.97
C ILE E 90 -42.23 18.33 14.55
N PHE E 91 -41.32 17.67 13.85
CA PHE E 91 -41.05 18.01 12.45
C PHE E 91 -42.31 17.81 11.63
N SER E 92 -43.01 16.71 11.89
CA SER E 92 -44.21 16.41 11.17
C SER E 92 -45.21 17.58 11.20
N ARG E 93 -45.30 18.29 12.32
CA ARG E 93 -46.19 19.48 12.43
C ARG E 93 -45.93 20.53 11.38
N TYR E 94 -44.79 20.49 10.70
CA TYR E 94 -44.42 21.53 9.75
C TYR E 94 -44.33 21.04 8.32
N THR E 95 -44.12 19.75 8.15
CA THR E 95 -44.02 19.18 6.82
C THR E 95 -44.03 17.68 6.93
N SER E 96 -44.28 17.04 5.81
CA SER E 96 -44.22 15.59 5.76
C SER E 96 -42.99 15.17 4.99
N ARG E 97 -42.31 16.15 4.39
CA ARG E 97 -41.04 15.94 3.70
C ARG E 97 -39.91 15.86 4.74
N ILE E 98 -39.74 14.68 5.34
CA ILE E 98 -38.81 14.43 6.42
C ILE E 98 -37.92 13.22 6.10
N GLU E 99 -36.61 13.38 6.22
CA GLU E 99 -35.71 12.29 5.97
C GLU E 99 -34.80 12.16 7.19
N PRO E 100 -34.99 11.12 7.99
CA PRO E 100 -34.21 11.07 9.19
C PRO E 100 -32.94 10.37 8.85
N LEU E 101 -31.84 10.73 9.52
CA LEU E 101 -30.54 10.09 9.24
C LEU E 101 -30.01 9.34 10.43
N SER E 102 -30.71 9.47 11.55
CA SER E 102 -30.31 8.86 12.78
C SER E 102 -31.37 9.29 13.77
N LEU E 103 -31.22 8.86 15.01
CA LEU E 103 -32.08 9.31 16.07
C LEU E 103 -32.21 10.83 16.11
N ASP E 104 -31.06 11.54 16.01
CA ASP E 104 -30.98 12.92 16.44
C ASP E 104 -31.08 13.93 15.32
N GLU E 105 -31.29 13.49 14.08
CA GLU E 105 -30.98 14.30 12.90
C GLU E 105 -32.03 14.09 11.85
N ALA E 106 -32.38 15.11 11.08
CA ALA E 106 -33.22 14.94 9.91
C ALA E 106 -33.06 16.06 8.95
N TYR E 107 -33.35 15.79 7.67
CA TYR E 107 -33.62 16.82 6.68
C TYR E 107 -35.11 17.12 6.55
N LEU E 108 -35.48 18.40 6.40
CA LEU E 108 -36.82 18.80 6.03
C LEU E 108 -36.76 19.57 4.72
N ASP E 109 -37.74 19.36 3.84
CA ASP E 109 -37.89 20.16 2.60
C ASP E 109 -39.13 20.95 2.82
N VAL E 110 -38.94 22.26 2.96
CA VAL E 110 -39.98 23.20 3.30
C VAL E 110 -40.18 24.23 2.21
N THR E 111 -39.62 23.98 1.01
CA THR E 111 -39.91 24.74 -0.20
C THR E 111 -41.40 25.06 -0.32
N ASP E 112 -42.24 24.03 -0.33
CA ASP E 112 -43.68 24.25 -0.48
C ASP E 112 -44.38 24.26 0.88
N SER E 113 -43.77 24.86 1.90
CA SER E 113 -44.43 25.00 3.19
C SER E 113 -44.79 26.45 3.41
N VAL E 114 -45.94 26.68 4.03
CA VAL E 114 -46.50 28.03 4.26
C VAL E 114 -46.53 28.49 5.73
N HIS E 115 -45.58 28.02 6.54
CA HIS E 115 -45.70 28.14 8.00
C HIS E 115 -45.23 29.43 8.64
N CYS E 116 -44.26 30.11 8.04
CA CYS E 116 -43.82 31.36 8.63
C CYS E 116 -43.57 32.28 7.48
N HIS E 117 -44.65 32.60 6.78
CA HIS E 117 -44.57 33.45 5.59
C HIS E 117 -43.57 32.79 4.65
N GLY E 118 -43.56 31.45 4.70
CA GLY E 118 -42.58 30.62 4.01
C GLY E 118 -41.09 30.85 4.32
N SER E 119 -40.78 31.37 5.49
CA SER E 119 -39.39 31.52 5.86
C SER E 119 -38.77 30.25 6.48
N ALA E 120 -37.78 29.71 5.79
CA ALA E 120 -37.03 28.55 6.27
C ALA E 120 -36.28 28.89 7.58
N THR E 121 -35.64 30.06 7.59
CA THR E 121 -35.03 30.66 8.76
C THR E 121 -36.00 30.66 9.93
N LEU E 122 -37.21 31.15 9.72
CA LEU E 122 -38.15 31.25 10.85
C LEU E 122 -38.70 29.90 11.31
N ILE E 123 -38.91 29.03 10.35
CA ILE E 123 -39.36 27.66 10.61
C ILE E 123 -38.36 26.87 11.44
N ALA E 124 -37.09 27.00 11.10
CA ALA E 124 -36.02 26.31 11.81
C ALA E 124 -35.93 26.80 13.25
N GLN E 125 -35.92 28.11 13.40
CA GLN E 125 -35.99 28.75 14.73
C GLN E 125 -37.23 28.30 15.52
N GLU E 126 -38.33 28.10 14.84
CA GLU E 126 -39.54 27.70 15.55
C GLU E 126 -39.48 26.23 15.97
N ILE E 127 -38.87 25.39 15.15
CA ILE E 127 -38.58 24.00 15.52
C ILE E 127 -37.54 23.85 16.63
N ARG E 128 -36.57 24.75 16.76
CA ARG E 128 -35.53 24.57 17.80
C ARG E 128 -36.07 25.00 19.15
N GLN E 129 -36.71 26.16 19.15
CA GLN E 129 -37.69 26.47 20.14
C GLN E 129 -38.73 25.44 19.84
N THR E 130 -39.57 25.10 20.80
CA THR E 130 -40.52 23.96 20.75
C THR E 130 -39.87 22.63 20.98
N ILE E 131 -38.74 22.33 20.36
CA ILE E 131 -37.97 21.21 20.84
C ILE E 131 -37.45 21.57 22.23
N PHE E 132 -36.85 22.75 22.39
CA PHE E 132 -36.40 23.18 23.73
C PHE E 132 -37.54 23.19 24.75
N ASN E 133 -38.57 23.96 24.50
CA ASN E 133 -39.85 23.75 25.21
C ASN E 133 -40.23 22.34 24.79
N GLU E 134 -40.81 21.56 25.69
CA GLU E 134 -41.28 20.19 25.36
C GLU E 134 -40.28 19.13 25.71
N LEU E 135 -39.03 19.26 25.29
CA LEU E 135 -38.02 18.23 25.63
C LEU E 135 -36.98 18.70 26.64
N GLN E 136 -36.77 20.00 26.74
CA GLN E 136 -35.64 20.59 27.52
C GLN E 136 -34.31 20.08 26.97
N LEU E 137 -34.24 20.02 25.66
CA LEU E 137 -33.04 19.72 24.94
C LEU E 137 -33.00 20.75 23.88
N THR E 138 -31.79 20.96 23.39
CA THR E 138 -31.44 22.02 22.47
C THR E 138 -30.97 21.41 21.12
N ALA E 139 -31.25 22.13 20.04
CA ALA E 139 -30.98 21.70 18.72
C ALA E 139 -30.35 22.84 17.97
N SER E 140 -29.58 22.49 16.95
CA SER E 140 -29.00 23.43 16.02
C SER E 140 -29.53 23.07 14.63
N ALA E 141 -29.45 24.01 13.68
CA ALA E 141 -30.01 23.81 12.39
C ALA E 141 -29.25 24.53 11.36
N GLY E 142 -29.32 24.05 10.12
CA GLY E 142 -28.65 24.70 8.98
C GLY E 142 -29.66 24.85 7.88
N VAL E 143 -29.72 26.01 7.24
CA VAL E 143 -30.74 26.25 6.22
C VAL E 143 -30.03 26.51 4.94
N ALA E 144 -30.43 25.84 3.86
CA ALA E 144 -29.71 26.02 2.58
C ALA E 144 -30.51 25.47 1.42
N PRO E 145 -29.98 25.59 0.18
CA PRO E 145 -30.78 25.18 -0.95
C PRO E 145 -30.63 23.73 -1.34
N VAL E 146 -29.76 23.00 -0.66
CA VAL E 146 -29.50 21.64 -1.02
C VAL E 146 -29.05 20.97 0.24
N LYS E 147 -29.03 19.66 0.25
CA LYS E 147 -28.79 18.87 1.44
C LYS E 147 -27.48 19.09 2.13
N PHE E 148 -26.39 19.00 1.38
CA PHE E 148 -25.09 18.98 2.00
C PHE E 148 -24.76 20.27 2.70
N LEU E 149 -25.17 21.40 2.12
CA LEU E 149 -24.91 22.70 2.67
C LEU E 149 -25.82 22.96 3.87
N ALA E 150 -27.07 22.49 3.89
CA ALA E 150 -27.84 22.59 5.14
C ALA E 150 -27.10 21.85 6.25
N LYS E 151 -26.52 20.69 5.94
CA LYS E 151 -25.93 19.88 6.98
C LYS E 151 -24.68 20.53 7.53
N ILE E 152 -23.83 21.03 6.64
CA ILE E 152 -22.68 21.76 7.04
C ILE E 152 -23.08 23.05 7.78
N ALA E 153 -24.05 23.79 7.26
CA ALA E 153 -24.62 24.94 8.00
C ALA E 153 -24.91 24.67 9.45
N SER E 154 -25.41 23.47 9.73
CA SER E 154 -25.93 23.20 11.06
C SER E 154 -24.85 23.04 12.11
N ASP E 155 -23.60 22.88 11.71
CA ASP E 155 -22.51 22.76 12.67
C ASP E 155 -21.85 24.11 12.97
N MET E 156 -22.25 25.15 12.28
CA MET E 156 -21.48 26.39 12.37
C MET E 156 -21.87 27.30 13.51
N ASN E 157 -23.08 27.21 14.00
CA ASN E 157 -23.40 27.85 15.24
C ASN E 157 -23.92 26.88 16.24
N LYS E 158 -23.34 25.70 16.37
CA LYS E 158 -23.80 24.85 17.45
C LYS E 158 -22.88 25.07 18.65
N PRO E 159 -23.38 24.87 19.88
CA PRO E 159 -24.74 24.40 20.28
C PRO E 159 -25.83 25.45 20.22
N ASN E 160 -27.05 24.99 20.06
CA ASN E 160 -28.22 25.85 20.22
C ASN E 160 -28.17 27.05 19.34
N GLY E 161 -27.75 26.91 18.10
CA GLY E 161 -27.90 27.97 17.12
C GLY E 161 -28.24 27.47 15.74
N GLN E 162 -28.14 28.33 14.73
CA GLN E 162 -28.48 27.96 13.37
C GLN E 162 -27.82 28.90 12.41
N PHE E 163 -27.71 28.51 11.16
CA PHE E 163 -26.99 29.32 10.23
C PHE E 163 -27.65 29.16 8.90
N VAL E 164 -27.81 30.26 8.15
CA VAL E 164 -28.45 30.21 6.85
C VAL E 164 -27.50 30.48 5.72
N ILE E 165 -27.69 29.79 4.61
CA ILE E 165 -26.87 30.02 3.42
C ILE E 165 -27.80 30.24 2.26
N THR E 166 -27.76 31.43 1.70
CA THR E 166 -28.64 31.76 0.59
C THR E 166 -27.94 31.41 -0.71
N PRO E 167 -28.72 31.29 -1.81
CA PRO E 167 -28.06 30.93 -3.06
C PRO E 167 -26.97 31.91 -3.39
N ALA E 168 -27.18 33.16 -3.01
CA ALA E 168 -26.24 34.24 -3.31
C ALA E 168 -24.93 34.09 -2.51
N GLU E 169 -25.07 33.58 -1.29
CA GLU E 169 -23.90 33.25 -0.47
C GLU E 169 -23.12 31.96 -0.88
N VAL E 170 -23.77 31.05 -1.57
CA VAL E 170 -23.14 29.74 -1.86
C VAL E 170 -21.72 29.84 -2.43
N PRO E 171 -21.50 30.70 -3.40
CA PRO E 171 -20.16 30.67 -4.01
C PRO E 171 -19.00 31.04 -3.12
N ALA E 172 -19.17 32.09 -2.32
CA ALA E 172 -18.09 32.54 -1.44
C ALA E 172 -17.86 31.46 -0.41
N PHE E 173 -18.95 30.91 0.11
CA PHE E 173 -18.90 29.76 0.97
C PHE E 173 -18.08 28.61 0.38
N LEU E 174 -18.32 28.21 -0.85
CA LEU E 174 -17.57 27.08 -1.41
C LEU E 174 -16.08 27.32 -1.52
N GLN E 175 -15.67 28.56 -1.76
CA GLN E 175 -14.33 28.83 -2.24
C GLN E 175 -13.27 28.27 -1.33
N THR E 176 -13.48 28.44 -0.03
CA THR E 176 -12.50 28.03 0.96
C THR E 176 -12.98 26.87 1.84
N LEU E 177 -14.10 26.25 1.45
CA LEU E 177 -14.67 25.10 2.12
C LEU E 177 -13.78 23.88 1.96
N PRO E 178 -13.33 23.31 3.09
CA PRO E 178 -12.51 22.13 2.99
C PRO E 178 -13.25 20.92 2.44
N LEU E 179 -12.64 20.20 1.51
CA LEU E 179 -13.32 19.04 0.97
C LEU E 179 -13.71 18.06 2.06
N ALA E 180 -12.98 18.09 3.16
CA ALA E 180 -13.13 17.15 4.27
C ALA E 180 -14.43 17.35 5.02
N LYS E 181 -14.99 18.56 4.88
CA LYS E 181 -16.28 18.88 5.50
C LYS E 181 -17.43 18.37 4.66
N ILE E 182 -17.18 17.93 3.44
CA ILE E 182 -18.26 17.33 2.66
C ILE E 182 -18.54 15.91 3.08
N PRO E 183 -19.82 15.58 3.37
CA PRO E 183 -20.21 14.25 3.84
C PRO E 183 -19.92 13.19 2.83
N GLY E 184 -19.19 12.14 3.23
CA GLY E 184 -18.74 11.12 2.30
C GLY E 184 -17.26 11.24 1.98
N VAL E 185 -16.65 12.36 2.34
CA VAL E 185 -15.18 12.55 2.26
C VAL E 185 -14.58 12.49 3.63
N GLY E 186 -13.92 11.39 3.96
CA GLY E 186 -13.37 11.21 5.29
C GLY E 186 -11.86 11.22 5.20
N LYS E 187 -11.23 10.61 6.18
CA LYS E 187 -9.80 10.52 6.31
C LYS E 187 -9.13 9.98 5.07
N VAL E 188 -9.51 8.78 4.63
CA VAL E 188 -8.73 8.19 3.54
C VAL E 188 -8.86 9.09 2.37
N SER E 189 -10.08 9.51 2.06
CA SER E 189 -10.31 10.34 0.87
C SER E 189 -9.71 11.70 0.97
N ALA E 190 -9.85 12.38 2.09
CA ALA E 190 -9.24 13.70 2.22
C ALA E 190 -7.72 13.67 1.98
N ALA E 191 -7.07 12.61 2.40
CA ALA E 191 -5.63 12.54 2.34
C ALA E 191 -5.20 12.19 0.90
N LYS E 192 -5.99 11.39 0.18
CA LYS E 192 -5.69 11.17 -1.24
C LYS E 192 -5.79 12.47 -1.98
N LEU E 193 -6.83 13.26 -1.67
CA LEU E 193 -7.06 14.55 -2.34
C LEU E 193 -6.02 15.57 -1.98
N GLU E 194 -5.61 15.60 -0.71
CA GLU E 194 -4.49 16.48 -0.32
C GLU E 194 -3.25 16.15 -1.14
N ALA E 195 -2.95 14.87 -1.33
CA ALA E 195 -1.73 14.48 -2.05
C ALA E 195 -1.72 14.93 -3.48
N MET E 196 -2.88 15.15 -4.06
CA MET E 196 -2.98 15.70 -5.40
C MET E 196 -3.02 17.21 -5.36
N GLY E 197 -2.84 17.80 -4.18
CA GLY E 197 -2.98 19.26 -4.03
C GLY E 197 -4.38 19.84 -4.03
N LEU E 198 -5.38 19.06 -3.59
CA LEU E 198 -6.78 19.47 -3.54
C LEU E 198 -7.27 19.46 -2.08
N ARG E 199 -7.56 20.63 -1.54
CA ARG E 199 -7.95 20.79 -0.15
C ARG E 199 -9.33 21.31 -0.04
N THR E 200 -9.70 22.24 -0.92
CA THR E 200 -10.99 22.93 -0.81
C THR E 200 -11.82 22.74 -2.05
N CYS E 201 -13.10 23.07 -1.94
CA CYS E 201 -13.99 23.05 -3.10
C CYS E 201 -13.46 23.93 -4.18
N GLY E 202 -13.02 25.13 -3.80
CA GLY E 202 -12.26 26.02 -4.68
C GLY E 202 -11.23 25.34 -5.58
N ASP E 203 -10.38 24.48 -5.02
CA ASP E 203 -9.34 23.81 -5.80
C ASP E 203 -9.98 22.87 -6.79
N VAL E 204 -11.09 22.26 -6.43
CA VAL E 204 -11.72 21.23 -7.25
C VAL E 204 -12.48 21.85 -8.42
N GLN E 205 -13.04 23.04 -8.22
CA GLN E 205 -13.66 23.77 -9.32
C GLN E 205 -12.67 23.93 -10.49
N LYS E 206 -11.40 24.18 -10.21
CA LYS E 206 -10.40 24.26 -11.27
C LYS E 206 -9.96 22.90 -11.76
N CYS E 207 -10.80 21.87 -11.67
CA CYS E 207 -10.42 20.49 -12.04
C CYS E 207 -11.28 19.89 -13.13
N ASP E 208 -10.66 19.03 -13.92
CA ASP E 208 -11.32 18.30 -14.98
C ASP E 208 -12.10 17.12 -14.43
N LEU E 209 -13.40 17.16 -14.67
CA LEU E 209 -14.31 16.06 -14.39
C LEU E 209 -13.80 14.76 -14.89
N VAL E 210 -13.25 14.72 -16.09
CA VAL E 210 -12.85 13.44 -16.66
C VAL E 210 -11.72 12.81 -15.85
N MET E 211 -10.88 13.65 -15.26
CA MET E 211 -9.80 13.13 -14.47
C MET E 211 -10.36 12.67 -13.13
N LEU E 212 -11.24 13.48 -12.55
CA LEU E 212 -11.88 13.07 -11.31
C LEU E 212 -12.59 11.74 -11.50
N LEU E 213 -13.25 11.55 -12.63
CA LEU E 213 -13.86 10.25 -12.92
C LEU E 213 -12.79 9.13 -13.02
N LYS E 214 -11.65 9.37 -13.69
CA LYS E 214 -10.58 8.33 -13.75
C LYS E 214 -9.98 7.97 -12.38
N ARG E 215 -9.58 8.99 -11.61
CA ARG E 215 -8.97 8.75 -10.29
C ARG E 215 -9.94 8.25 -9.22
N PHE E 216 -11.24 8.53 -9.30
CA PHE E 216 -12.19 8.16 -8.21
C PHE E 216 -13.55 7.47 -8.55
N GLY E 217 -13.96 7.46 -9.82
CA GLY E 217 -15.22 6.78 -10.19
C GLY E 217 -16.42 7.62 -9.79
N LYS E 218 -17.57 6.99 -9.54
CA LYS E 218 -18.78 7.74 -9.19
C LYS E 218 -18.52 8.81 -8.13
N PHE E 219 -17.65 8.52 -7.18
CA PHE E 219 -17.32 9.46 -6.13
C PHE E 219 -16.68 10.76 -6.66
N GLY E 220 -15.84 10.66 -7.69
CA GLY E 220 -15.25 11.83 -8.32
C GLY E 220 -16.28 12.75 -8.97
N ARG E 221 -17.34 12.18 -9.55
CA ARG E 221 -18.45 12.99 -10.01
C ARG E 221 -19.09 13.68 -8.80
N ILE E 222 -19.24 13.00 -7.69
CA ILE E 222 -19.85 13.66 -6.53
C ILE E 222 -19.04 14.85 -5.99
N LEU E 223 -17.75 14.70 -5.92
CA LEU E 223 -16.88 15.79 -5.57
C LEU E 223 -17.06 16.96 -6.48
N TRP E 224 -16.89 16.72 -7.76
CA TRP E 224 -17.06 17.78 -8.74
C TRP E 224 -18.41 18.48 -8.55
N GLU E 225 -19.48 17.71 -8.45
CA GLU E 225 -20.78 18.34 -8.33
C GLU E 225 -20.86 19.16 -7.05
N ARG E 226 -20.38 18.56 -5.96
CA ARG E 226 -20.50 19.20 -4.62
C ARG E 226 -19.66 20.48 -4.49
N SER E 227 -18.49 20.49 -5.09
CA SER E 227 -17.68 21.71 -5.16
C SER E 227 -18.36 22.90 -5.83
N GLN E 228 -19.32 22.64 -6.71
CA GLN E 228 -20.02 23.66 -7.47
C GLN E 228 -21.29 24.06 -6.74
N GLY E 229 -21.60 23.38 -5.64
CA GLY E 229 -22.89 23.59 -4.96
C GLY E 229 -24.03 22.74 -5.50
N ILE E 230 -23.73 21.76 -6.37
CA ILE E 230 -24.76 20.93 -6.98
C ILE E 230 -25.01 19.73 -6.10
N ASP E 231 -26.25 19.60 -5.67
CA ASP E 231 -26.69 18.46 -4.93
C ASP E 231 -28.18 18.28 -5.16
N GLU E 232 -28.52 17.56 -6.23
CA GLU E 232 -29.91 17.34 -6.66
C GLU E 232 -30.61 16.24 -5.90
N ARG E 233 -29.96 15.71 -4.87
CA ARG E 233 -30.60 14.67 -4.05
C ARG E 233 -31.81 15.24 -3.31
N ASP E 234 -32.92 14.54 -3.43
CA ASP E 234 -34.21 14.93 -2.89
C ASP E 234 -34.43 14.35 -1.49
N VAL E 235 -34.94 15.15 -0.58
CA VAL E 235 -35.43 14.63 0.72
C VAL E 235 -36.40 13.46 0.49
N ASN E 236 -36.12 12.32 1.10
CA ASN E 236 -36.81 11.11 0.70
C ASN E 236 -38.13 10.88 1.38
N SER E 237 -38.03 10.56 2.66
CA SER E 237 -39.19 10.14 3.49
C SER E 237 -39.56 8.67 3.38
N GLU E 238 -39.14 7.99 2.31
CA GLU E 238 -39.49 6.56 2.12
C GLU E 238 -38.38 5.52 2.44
N ARG E 239 -37.27 5.91 3.06
CA ARG E 239 -36.17 4.95 3.29
C ARG E 239 -36.55 3.94 4.33
N LEU E 240 -36.11 2.69 4.11
CA LEU E 240 -36.34 1.52 4.97
C LEU E 240 -35.05 0.76 5.22
N ARG E 241 -34.92 0.20 6.41
CA ARG E 241 -33.80 -0.60 6.78
C ARG E 241 -33.64 -1.87 5.92
N LYS E 242 -32.38 -2.26 5.65
CA LYS E 242 -32.04 -3.36 4.75
C LYS E 242 -31.35 -4.52 5.40
N SER E 243 -30.89 -4.36 6.63
CA SER E 243 -30.15 -5.41 7.35
C SER E 243 -30.34 -5.26 8.82
N VAL E 244 -30.14 -6.33 9.62
CA VAL E 244 -29.93 -6.17 11.02
C VAL E 244 -28.77 -6.98 11.51
N GLY E 245 -27.93 -6.40 12.32
CA GLY E 245 -26.83 -7.17 12.86
C GLY E 245 -26.59 -6.99 14.31
N VAL E 246 -25.90 -7.98 14.87
CA VAL E 246 -25.52 -7.97 16.28
C VAL E 246 -24.10 -8.44 16.43
N GLU E 247 -23.32 -7.70 17.18
CA GLU E 247 -21.93 -8.08 17.37
C GLU E 247 -21.47 -7.59 18.71
N ARG E 248 -20.58 -8.35 19.34
CA ARG E 248 -20.06 -7.96 20.64
C ARG E 248 -18.55 -8.09 20.68
N THR E 249 -17.90 -7.25 21.48
CA THR E 249 -16.41 -7.21 21.64
C THR E 249 -16.03 -7.62 23.06
N MET E 250 -15.44 -8.79 23.22
CA MET E 250 -15.11 -9.28 24.57
C MET E 250 -13.97 -8.50 25.21
N ALA E 251 -14.02 -8.46 26.54
CA ALA E 251 -13.04 -7.74 27.32
C ALA E 251 -11.68 -8.37 27.09
N GLU E 252 -11.65 -9.68 26.82
CA GLU E 252 -10.40 -10.43 26.53
C GLU E 252 -10.49 -11.10 25.18
N ASP E 253 -9.40 -11.08 24.44
CA ASP E 253 -9.34 -11.73 23.14
C ASP E 253 -9.59 -13.18 23.43
N ILE E 254 -10.21 -13.89 22.48
CA ILE E 254 -10.49 -15.30 22.69
C ILE E 254 -9.80 -16.14 21.70
N HIS E 255 -9.56 -17.39 22.06
CA HIS E 255 -8.56 -18.25 21.39
C HIS E 255 -9.00 -19.67 21.05
N HIS E 256 -10.10 -20.11 21.67
CA HIS E 256 -10.69 -21.43 21.47
C HIS E 256 -12.10 -21.33 20.91
N TRP E 257 -12.49 -22.28 20.06
CA TRP E 257 -13.85 -22.29 19.53
C TRP E 257 -14.99 -22.48 20.61
N SER E 258 -14.73 -23.31 21.60
CA SER E 258 -15.62 -23.41 22.74
C SER E 258 -16.09 -22.00 23.18
N GLU E 259 -15.15 -21.04 23.22
CA GLU E 259 -15.43 -19.69 23.68
C GLU E 259 -16.25 -18.92 22.65
N CYS E 260 -15.91 -19.12 21.37
CA CYS E 260 -16.58 -18.44 20.28
C CYS E 260 -18.04 -18.85 20.24
N GLU E 261 -18.23 -20.14 20.17
CA GLU E 261 -19.50 -20.79 20.22
C GLU E 261 -20.38 -20.32 21.41
N ALA E 262 -19.79 -20.22 22.59
CA ALA E 262 -20.52 -19.70 23.74
C ALA E 262 -20.94 -18.25 23.45
N ILE E 263 -20.12 -17.51 22.71
CA ILE E 263 -20.45 -16.13 22.40
C ILE E 263 -21.66 -16.09 21.46
N ILE E 264 -21.63 -16.87 20.38
CA ILE E 264 -22.79 -16.86 19.51
C ILE E 264 -24.15 -17.19 20.22
N GLU E 265 -24.14 -18.13 21.15
CA GLU E 265 -25.38 -18.53 21.76
C GLU E 265 -25.99 -17.31 22.43
N ARG E 266 -25.16 -16.47 23.03
CA ARG E 266 -25.61 -15.24 23.62
C ARG E 266 -26.08 -14.24 22.58
N LEU E 267 -25.39 -14.15 21.46
CA LEU E 267 -25.80 -13.26 20.39
C LEU E 267 -27.15 -13.60 19.78
N TYR E 268 -27.39 -14.87 19.46
CA TYR E 268 -28.52 -15.23 18.62
C TYR E 268 -29.94 -14.81 19.14
N PRO E 269 -30.23 -15.04 20.43
CA PRO E 269 -31.51 -14.52 20.98
C PRO E 269 -31.69 -13.03 20.68
N GLU E 270 -30.63 -12.23 20.88
CA GLU E 270 -30.76 -10.79 20.66
C GLU E 270 -31.09 -10.54 19.22
N LEU E 271 -30.50 -11.32 18.31
CA LEU E 271 -30.73 -11.06 16.90
C LEU E 271 -32.12 -11.56 16.49
N GLU E 272 -32.52 -12.70 17.03
CA GLU E 272 -33.91 -13.17 16.76
C GLU E 272 -35.01 -12.15 17.22
N ARG E 273 -34.80 -11.53 18.36
CA ARG E 273 -35.77 -10.60 18.93
C ARG E 273 -35.79 -9.33 18.13
N ARG E 274 -34.62 -8.88 17.64
CA ARG E 274 -34.61 -7.63 16.93
C ARG E 274 -35.27 -7.77 15.58
N LEU E 275 -35.06 -8.91 14.99
CA LEU E 275 -35.57 -9.23 13.68
C LEU E 275 -37.08 -9.54 13.74
N ALA E 276 -37.51 -10.33 14.71
CA ALA E 276 -38.97 -10.51 14.98
C ALA E 276 -39.71 -9.18 15.01
N LYS E 277 -39.18 -8.19 15.72
CA LYS E 277 -39.73 -6.82 15.70
C LYS E 277 -40.19 -6.28 14.34
N VAL E 278 -39.48 -6.56 13.24
CA VAL E 278 -39.88 -6.01 11.93
C VAL E 278 -40.25 -7.08 10.90
N LYS E 279 -40.18 -8.33 11.29
CA LYS E 279 -40.41 -9.47 10.40
C LYS E 279 -40.72 -10.65 11.26
N PRO E 280 -41.97 -10.71 11.80
CA PRO E 280 -42.40 -11.75 12.76
C PRO E 280 -42.18 -13.21 12.29
N ASP E 281 -42.32 -13.46 10.99
CA ASP E 281 -42.04 -14.80 10.40
C ASP E 281 -40.55 -15.21 10.32
N LEU E 282 -39.66 -14.23 10.51
CA LEU E 282 -38.21 -14.37 10.51
C LEU E 282 -37.66 -14.70 9.16
N LEU E 283 -38.26 -14.15 8.12
CA LEU E 283 -37.92 -14.45 6.76
C LEU E 283 -37.01 -13.35 6.25
N ILE E 284 -36.02 -13.76 5.47
CA ILE E 284 -34.89 -12.90 5.12
C ILE E 284 -34.33 -13.34 3.81
N ALA E 285 -33.40 -12.53 3.29
CA ALA E 285 -32.71 -12.79 2.01
C ALA E 285 -31.44 -13.53 2.25
N ARG E 286 -30.65 -13.11 3.25
CA ARG E 286 -29.33 -13.75 3.55
C ARG E 286 -29.05 -13.66 5.02
N GLN E 287 -28.33 -14.61 5.62
CA GLN E 287 -27.72 -14.47 6.96
C GLN E 287 -26.22 -14.84 6.95
N GLY E 288 -25.49 -14.48 8.00
CA GLY E 288 -24.06 -14.59 7.96
C GLY E 288 -23.37 -14.18 9.24
N VAL E 289 -22.04 -14.24 9.24
CA VAL E 289 -21.30 -14.02 10.48
C VAL E 289 -20.07 -13.13 10.25
N LYS E 290 -19.43 -12.76 11.33
CA LYS E 290 -18.35 -11.83 11.26
C LYS E 290 -17.40 -12.11 12.42
N LEU E 291 -16.09 -12.14 12.10
CA LEU E 291 -15.04 -12.15 13.15
C LEU E 291 -14.01 -11.04 12.93
N LYS E 292 -13.51 -10.52 14.02
CA LYS E 292 -12.51 -9.46 13.99
C LYS E 292 -11.35 -9.84 14.92
N PHE E 293 -10.17 -9.93 14.35
CA PHE E 293 -9.05 -10.42 15.09
C PHE E 293 -8.34 -9.37 15.96
N ASP E 294 -7.56 -9.89 16.91
CA ASP E 294 -6.25 -9.37 17.40
C ASP E 294 -5.63 -8.12 16.77
N ASP E 295 -5.57 -8.18 15.45
CA ASP E 295 -4.88 -7.21 14.64
C ASP E 295 -5.85 -6.53 13.69
N PHE E 296 -7.15 -6.57 13.99
CA PHE E 296 -8.12 -5.81 13.24
C PHE E 296 -8.37 -6.15 11.77
N GLN E 297 -7.81 -7.19 11.19
CA GLN E 297 -8.45 -7.61 9.94
C GLN E 297 -9.90 -8.03 10.39
N GLN E 298 -10.81 -8.19 9.43
CA GLN E 298 -12.17 -8.56 9.75
C GLN E 298 -12.75 -9.21 8.53
N THR E 299 -13.32 -10.38 8.65
CA THR E 299 -13.94 -11.01 7.48
C THR E 299 -15.41 -11.33 7.85
N THR E 300 -16.20 -11.59 6.83
CA THR E 300 -17.57 -11.93 6.97
C THR E 300 -17.88 -13.06 6.04
N GLN E 301 -18.82 -13.89 6.43
CA GLN E 301 -19.26 -14.94 5.54
C GLN E 301 -20.78 -14.91 5.58
N GLU E 302 -21.36 -14.80 4.41
CA GLU E 302 -22.78 -14.52 4.36
C GLU E 302 -23.29 -15.19 3.11
N HIS E 303 -24.45 -15.80 3.20
CA HIS E 303 -25.05 -16.45 2.06
C HIS E 303 -26.53 -16.32 2.06
N VAL E 304 -27.06 -16.49 0.87
CA VAL E 304 -28.45 -16.74 0.66
C VAL E 304 -29.02 -17.81 1.60
N TRP E 305 -30.20 -17.51 2.16
CA TRP E 305 -30.80 -18.35 3.20
C TRP E 305 -32.20 -17.81 3.53
N PRO E 306 -33.18 -18.69 3.64
CA PRO E 306 -34.56 -18.19 3.68
C PRO E 306 -35.11 -17.76 5.05
N ARG E 307 -34.58 -18.28 6.14
CA ARG E 307 -35.09 -17.90 7.42
C ARG E 307 -34.08 -18.02 8.54
N LEU E 308 -34.10 -17.08 9.47
CA LEU E 308 -33.09 -17.05 10.50
C LEU E 308 -32.91 -18.43 11.03
N ASN E 309 -31.66 -18.94 11.13
CA ASN E 309 -31.38 -20.22 11.73
C ASN E 309 -30.14 -20.24 12.55
N LYS E 310 -30.24 -20.59 13.81
CA LYS E 310 -29.07 -20.55 14.68
C LYS E 310 -27.90 -21.48 14.31
N ALA E 311 -28.24 -22.73 14.00
CA ALA E 311 -27.22 -23.75 13.82
C ALA E 311 -26.38 -23.47 12.57
N ASP E 312 -27.05 -23.02 11.50
CA ASP E 312 -26.31 -22.63 10.31
C ASP E 312 -25.33 -21.46 10.62
N LEU E 313 -25.76 -20.51 11.45
CA LEU E 313 -24.89 -19.48 11.87
C LEU E 313 -23.72 -20.05 12.70
N ILE E 314 -24.01 -21.06 13.53
CA ILE E 314 -22.91 -21.71 14.24
C ILE E 314 -21.97 -22.49 13.24
N ALA E 315 -22.57 -23.12 12.22
CA ALA E 315 -21.81 -23.90 11.21
C ALA E 315 -20.79 -23.00 10.56
N THR E 316 -21.27 -21.92 9.99
CA THR E 316 -20.49 -21.00 9.23
C THR E 316 -19.40 -20.38 10.07
N ALA E 317 -19.80 -19.91 11.24
CA ALA E 317 -18.81 -19.40 12.20
C ALA E 317 -17.69 -20.44 12.47
N ARG E 318 -18.06 -21.72 12.53
CA ARG E 318 -17.08 -22.80 12.63
C ARG E 318 -16.12 -22.83 11.40
N LYS E 319 -16.68 -22.92 10.18
CA LYS E 319 -15.87 -22.90 8.94
C LYS E 319 -14.94 -21.68 8.93
N THR E 320 -15.56 -20.49 8.95
CA THR E 320 -14.87 -19.20 9.05
C THR E 320 -13.78 -19.24 10.10
N TRP E 321 -14.06 -19.86 11.23
CA TRP E 321 -13.09 -19.94 12.33
C TRP E 321 -12.01 -20.95 11.99
N ASP E 322 -12.34 -22.00 11.23
CA ASP E 322 -11.31 -22.99 10.92
C ASP E 322 -10.40 -22.38 9.84
N GLU E 323 -11.02 -21.75 8.85
CA GLU E 323 -10.37 -21.37 7.60
C GLU E 323 -9.66 -20.01 7.55
N ARG E 324 -9.99 -19.05 8.42
CA ARG E 324 -9.33 -17.75 8.32
C ARG E 324 -8.98 -17.05 9.65
N ARG E 325 -8.81 -17.82 10.70
CA ARG E 325 -8.28 -17.24 11.94
C ARG E 325 -6.73 -17.24 11.96
N GLY E 326 -6.13 -18.33 11.50
CA GLY E 326 -4.73 -18.63 11.72
C GLY E 326 -4.20 -18.18 13.09
N GLY E 327 -4.58 -18.85 14.15
CA GLY E 327 -3.96 -18.57 15.44
C GLY E 327 -4.04 -17.18 16.07
N ARG E 328 -4.73 -16.22 15.44
CA ARG E 328 -4.91 -14.93 16.08
C ARG E 328 -6.05 -15.03 17.09
N GLY E 329 -5.91 -14.27 18.18
CA GLY E 329 -7.01 -14.01 19.07
C GLY E 329 -8.14 -13.34 18.29
N VAL E 330 -9.34 -13.44 18.84
CA VAL E 330 -10.53 -12.88 18.20
C VAL E 330 -11.06 -11.93 19.24
N ARG E 331 -11.28 -10.67 18.84
CA ARG E 331 -11.80 -9.64 19.78
C ARG E 331 -13.31 -9.47 19.68
N LEU E 332 -13.89 -9.86 18.55
CA LEU E 332 -15.37 -9.75 18.31
C LEU E 332 -15.99 -10.82 17.44
N VAL E 333 -17.23 -11.17 17.81
CA VAL E 333 -18.04 -12.05 16.99
C VAL E 333 -19.28 -11.30 16.65
N GLY E 334 -19.78 -11.45 15.42
CA GLY E 334 -21.03 -10.83 15.04
C GLY E 334 -21.89 -11.70 14.16
N LEU E 335 -23.20 -11.43 14.13
CA LEU E 335 -24.15 -12.12 13.27
C LEU E 335 -24.91 -11.11 12.43
N HIS E 336 -25.49 -11.55 11.33
CA HIS E 336 -26.05 -10.59 10.39
C HIS E 336 -27.08 -11.19 9.45
N VAL E 337 -28.10 -10.37 9.11
CA VAL E 337 -29.03 -10.73 8.06
C VAL E 337 -29.25 -9.60 7.13
N THR E 338 -29.57 -9.96 5.89
CA THR E 338 -29.96 -9.05 4.84
C THR E 338 -31.44 -9.33 4.58
N LEU E 339 -32.19 -8.25 4.52
CA LEU E 339 -33.62 -8.32 4.66
C LEU E 339 -34.17 -8.49 3.27
N LEU E 340 -35.34 -9.09 3.11
CA LEU E 340 -35.93 -9.22 1.79
C LEU E 340 -36.18 -7.85 1.22
N ASP E 341 -36.38 -7.75 -0.09
CA ASP E 341 -36.31 -6.48 -0.82
C ASP E 341 -37.55 -5.60 -0.66
N PRO E 342 -38.72 -6.03 -1.16
CA PRO E 342 -39.79 -5.02 -1.22
C PRO E 342 -40.50 -4.81 0.13
N GLY F 1 37.63 -16.99 -37.92
CA GLY F 1 37.96 -18.41 -37.61
C GLY F 1 37.58 -18.75 -36.18
N SER F 2 38.57 -18.69 -35.28
CA SER F 2 38.35 -18.81 -33.84
C SER F 2 37.99 -17.41 -33.29
N ARG F 3 36.99 -17.34 -32.40
CA ARG F 3 36.34 -16.07 -32.06
C ARG F 3 37.19 -15.11 -31.29
N LYS F 4 36.86 -13.81 -31.39
CA LYS F 4 37.49 -12.75 -30.62
C LYS F 4 36.42 -11.96 -29.81
N ILE F 5 36.41 -12.12 -28.49
CA ILE F 5 35.40 -11.47 -27.59
C ILE F 5 36.08 -10.51 -26.64
N ILE F 6 35.54 -9.31 -26.55
CA ILE F 6 35.95 -8.35 -25.57
C ILE F 6 34.77 -8.30 -24.53
N HIS F 7 35.12 -8.31 -23.24
CA HIS F 7 34.20 -7.93 -22.20
C HIS F 7 34.69 -6.62 -21.66
N VAL F 8 33.87 -5.58 -21.74
CA VAL F 8 34.22 -4.27 -21.19
C VAL F 8 33.37 -4.03 -19.94
N ASP F 9 34.02 -3.65 -18.84
CA ASP F 9 33.35 -3.36 -17.57
C ASP F 9 33.84 -2.04 -16.96
N MET F 10 32.92 -1.13 -16.65
CA MET F 10 33.30 0.10 -15.99
C MET F 10 33.83 -0.14 -14.58
N ASP F 11 34.72 0.74 -14.14
CA ASP F 11 35.33 0.70 -12.83
C ASP F 11 34.47 1.49 -11.80
N CYS F 12 34.30 0.97 -10.59
CA CYS F 12 33.38 1.58 -9.54
C CYS F 12 32.21 2.36 -10.11
N PHE F 13 31.50 1.73 -11.01
CA PHE F 13 30.66 2.52 -11.90
C PHE F 13 29.88 3.65 -11.16
N PHE F 14 29.09 3.34 -10.12
CA PHE F 14 28.23 4.39 -9.50
C PHE F 14 29.03 5.37 -8.68
N ALA F 15 29.99 4.88 -7.90
CA ALA F 15 30.90 5.79 -7.18
C ALA F 15 31.76 6.68 -8.11
N ALA F 16 32.03 6.22 -9.34
CA ALA F 16 32.93 6.96 -10.23
C ALA F 16 32.17 8.02 -11.02
N VAL F 17 30.87 7.81 -11.22
CA VAL F 17 30.04 8.84 -11.83
C VAL F 17 30.06 10.02 -10.87
N GLU F 18 29.77 9.74 -9.59
CA GLU F 18 29.73 10.78 -8.56
C GLU F 18 31.06 11.49 -8.44
N MET F 19 32.13 10.74 -8.27
CA MET F 19 33.47 11.35 -8.19
C MET F 19 33.80 12.32 -9.32
N ARG F 20 33.60 11.88 -10.56
CA ARG F 20 33.75 12.76 -11.72
C ARG F 20 33.08 14.11 -11.47
N ASP F 21 31.80 14.01 -11.07
CA ASP F 21 30.88 15.14 -10.95
C ASP F 21 31.12 15.99 -9.73
N ASN F 22 31.64 15.38 -8.68
CA ASN F 22 31.93 16.09 -7.45
C ASN F 22 33.32 15.66 -6.97
N PRO F 23 34.37 16.39 -7.42
CA PRO F 23 35.77 16.02 -7.10
C PRO F 23 36.18 16.19 -5.63
N ALA F 24 35.32 16.77 -4.79
CA ALA F 24 35.55 16.76 -3.34
C ALA F 24 35.66 15.32 -2.80
N LEU F 25 34.99 14.38 -3.47
CA LEU F 25 34.89 13.01 -2.99
C LEU F 25 36.01 12.05 -3.45
N ARG F 26 36.86 12.49 -4.36
CA ARG F 26 37.77 11.57 -5.05
C ARG F 26 38.75 10.84 -4.12
N ASP F 27 39.35 11.55 -3.15
CA ASP F 27 40.38 10.95 -2.28
C ASP F 27 39.82 10.28 -1.02
N ILE F 28 38.51 10.40 -0.77
CA ILE F 28 37.88 9.92 0.46
C ILE F 28 36.91 8.74 0.27
N PRO F 29 36.71 7.90 1.32
CA PRO F 29 35.76 6.77 1.28
C PRO F 29 34.31 7.17 1.02
N ILE F 30 33.76 6.61 -0.05
CA ILE F 30 32.44 6.91 -0.54
C ILE F 30 31.66 5.62 -0.77
N ALA F 31 30.34 5.67 -0.58
CA ALA F 31 29.48 4.58 -0.99
C ALA F 31 28.14 5.10 -1.49
N ILE F 32 27.53 4.33 -2.37
CA ILE F 32 26.19 4.56 -2.81
C ILE F 32 25.41 3.44 -2.13
N GLY F 33 24.33 3.81 -1.44
CA GLY F 33 23.46 2.84 -0.83
C GLY F 33 22.40 3.51 0.02
N GLY F 34 21.58 2.69 0.67
CA GLY F 34 20.52 3.17 1.55
C GLY F 34 21.01 3.26 2.97
N SER F 35 20.48 4.22 3.71
CA SER F 35 20.86 4.46 5.09
C SER F 35 20.56 3.27 5.99
N ARG F 36 21.11 3.35 7.19
CA ARG F 36 20.91 2.39 8.28
C ARG F 36 19.45 2.35 8.70
N GLU F 37 18.95 3.52 9.10
CA GLU F 37 17.56 3.73 9.51
C GLU F 37 16.57 3.01 8.60
N ARG F 38 16.89 2.94 7.30
CA ARG F 38 15.99 2.41 6.27
C ARG F 38 16.39 0.99 5.85
N ARG F 39 17.16 0.32 6.70
CA ARG F 39 17.53 -1.07 6.48
C ARG F 39 18.34 -1.25 5.14
N GLY F 40 19.11 -0.25 4.76
CA GLY F 40 19.80 -0.23 3.46
C GLY F 40 21.00 -1.17 3.28
N VAL F 41 21.46 -1.33 2.04
CA VAL F 41 22.78 -1.93 1.75
C VAL F 41 23.61 -1.09 0.77
N ILE F 42 24.91 -1.39 0.72
CA ILE F 42 25.83 -0.74 -0.22
C ILE F 42 25.57 -1.22 -1.67
N SER F 43 25.26 -0.26 -2.61
CA SER F 43 25.19 -0.51 -4.04
C SER F 43 26.63 -0.83 -4.49
N THR F 44 27.47 0.22 -4.22
CA THR F 44 28.92 0.06 -4.39
C THR F 44 29.69 1.05 -3.54
N ALA F 45 30.98 0.80 -3.43
CA ALA F 45 31.94 1.67 -2.78
C ALA F 45 33.12 2.00 -3.70
N ASN F 46 33.79 3.13 -3.44
CA ASN F 46 35.03 3.48 -4.13
C ASN F 46 36.28 2.87 -3.49
N TYR F 47 37.43 3.11 -4.11
CA TYR F 47 38.64 2.41 -3.74
C TYR F 47 39.10 2.76 -2.34
N PRO F 48 39.09 4.05 -2.00
CA PRO F 48 39.33 4.39 -0.58
C PRO F 48 38.42 3.65 0.42
N ALA F 49 37.13 3.44 0.09
CA ALA F 49 36.23 2.73 1.03
C ALA F 49 36.48 1.24 0.99
N ARG F 50 36.93 0.70 -0.15
CA ARG F 50 37.14 -0.76 -0.25
C ARG F 50 38.35 -1.19 0.54
N LYS F 51 39.29 -0.28 0.72
CA LYS F 51 40.42 -0.49 1.63
C LYS F 51 39.93 -0.97 3.00
N PHE F 52 38.84 -0.33 3.48
CA PHE F 52 38.19 -0.63 4.76
C PHE F 52 37.26 -1.88 4.75
N GLY F 53 37.05 -2.49 3.58
CA GLY F 53 36.34 -3.79 3.48
C GLY F 53 34.92 -3.64 2.98
N VAL F 54 34.59 -2.43 2.54
CA VAL F 54 33.25 -2.07 2.15
C VAL F 54 32.98 -2.59 0.76
N ARG F 55 31.97 -3.43 0.63
CA ARG F 55 31.55 -3.96 -0.68
C ARG F 55 30.08 -3.84 -0.90
N SER F 56 29.72 -4.02 -2.15
CA SER F 56 28.37 -4.28 -2.61
C SER F 56 27.66 -5.34 -1.78
N ALA F 57 26.36 -5.11 -1.52
CA ALA F 57 25.54 -6.06 -0.79
C ALA F 57 25.75 -6.07 0.72
N MET F 58 26.78 -5.40 1.19
CA MET F 58 27.03 -5.30 2.62
C MET F 58 25.98 -4.37 3.23
N PRO F 59 25.42 -4.80 4.37
CA PRO F 59 24.45 -3.95 5.07
C PRO F 59 25.11 -2.66 5.43
N THR F 60 24.49 -1.53 5.07
CA THR F 60 25.09 -0.23 5.30
C THR F 60 25.59 0.03 6.73
N GLY F 61 25.02 -0.67 7.71
CA GLY F 61 25.52 -0.57 9.08
C GLY F 61 26.81 -1.30 9.38
N MET F 62 27.00 -2.47 8.79
CA MET F 62 28.32 -3.13 8.85
C MET F 62 29.39 -2.21 8.25
N ALA F 63 29.05 -1.58 7.14
CA ALA F 63 29.94 -0.73 6.40
C ALA F 63 30.37 0.47 7.18
N LEU F 64 29.47 1.01 7.99
CA LEU F 64 29.72 2.21 8.78
C LEU F 64 30.55 1.96 10.00
N LYS F 65 30.38 0.80 10.63
CA LYS F 65 31.29 0.33 11.69
C LYS F 65 32.65 0.01 11.09
N LEU F 66 32.68 -0.53 9.88
CA LEU F 66 33.97 -0.84 9.19
C LEU F 66 34.70 0.41 8.72
N CYS F 67 33.97 1.39 8.21
CA CYS F 67 34.55 2.64 7.76
C CYS F 67 33.78 3.90 8.27
N PRO F 68 33.94 4.27 9.56
CA PRO F 68 33.22 5.37 10.24
C PRO F 68 33.09 6.69 9.51
N HIS F 69 34.09 7.05 8.70
CA HIS F 69 34.06 8.34 8.02
C HIS F 69 33.50 8.19 6.63
N LEU F 70 33.00 6.99 6.34
CA LEU F 70 32.30 6.71 5.09
C LEU F 70 31.27 7.79 4.76
N THR F 71 31.26 8.23 3.51
CA THR F 71 30.24 9.14 3.00
C THR F 71 29.24 8.43 2.06
N LEU F 72 28.05 8.21 2.61
CA LEU F 72 26.92 7.52 1.98
C LEU F 72 26.11 8.43 1.05
N LEU F 73 25.96 8.03 -0.21
CA LEU F 73 25.08 8.71 -1.16
C LEU F 73 23.90 7.84 -1.55
N PRO F 74 22.84 8.46 -2.06
CA PRO F 74 21.65 7.75 -2.56
C PRO F 74 21.77 7.37 -4.02
N GLY F 75 22.58 8.12 -4.77
CA GLY F 75 22.77 7.86 -6.18
C GLY F 75 21.73 8.54 -7.05
N ARG F 76 21.98 8.53 -8.36
CA ARG F 76 21.16 9.25 -9.29
C ARG F 76 21.04 8.40 -10.53
N PHE F 77 19.96 7.63 -10.65
CA PHE F 77 19.78 6.70 -11.77
C PHE F 77 20.02 7.35 -13.15
N ASP F 78 19.39 8.51 -13.40
CA ASP F 78 19.51 9.20 -14.70
C ASP F 78 20.97 9.47 -15.09
N ALA F 79 21.78 9.77 -14.08
CA ALA F 79 23.20 10.02 -14.25
C ALA F 79 23.89 8.79 -14.84
N TYR F 80 23.68 7.67 -14.17
CA TYR F 80 24.20 6.36 -14.55
C TYR F 80 23.64 5.88 -15.91
N LYS F 81 22.42 6.31 -16.25
CA LYS F 81 21.79 5.91 -17.51
C LYS F 81 22.29 6.74 -18.70
N GLU F 82 22.55 8.05 -18.52
CA GLU F 82 23.22 8.87 -19.58
C GLU F 82 24.47 8.11 -20.02
N ALA F 83 25.34 7.89 -19.03
CA ALA F 83 26.64 7.26 -19.23
C ALA F 83 26.58 5.85 -19.84
N SER F 84 25.57 5.08 -19.47
CA SER F 84 25.43 3.71 -19.97
C SER F 84 24.92 3.65 -21.40
N ASN F 85 23.99 4.55 -21.74
CA ASN F 85 23.57 4.72 -23.13
C ASN F 85 24.76 5.14 -24.00
N HIS F 86 25.55 6.08 -23.47
CA HIS F 86 26.71 6.65 -24.15
C HIS F 86 27.70 5.54 -24.49
N ILE F 87 28.10 4.76 -23.51
CA ILE F 87 29.17 3.78 -23.73
C ILE F 87 28.73 2.73 -24.74
N ARG F 88 27.42 2.49 -24.78
CA ARG F 88 26.89 1.54 -25.72
C ARG F 88 26.99 2.07 -27.15
N GLU F 89 26.93 3.40 -27.32
CA GLU F 89 27.12 4.05 -28.64
C GLU F 89 28.58 3.87 -29.04
N ILE F 90 29.45 4.08 -28.07
CA ILE F 90 30.87 3.86 -28.26
C ILE F 90 31.05 2.48 -28.89
N PHE F 91 30.38 1.48 -28.30
CA PHE F 91 30.56 0.09 -28.74
C PHE F 91 30.07 -0.13 -30.18
N SER F 92 29.04 0.61 -30.56
CA SER F 92 28.39 0.42 -31.85
C SER F 92 29.16 1.11 -32.96
N ARG F 93 30.09 2.00 -32.62
CA ARG F 93 31.05 2.51 -33.61
C ARG F 93 31.93 1.36 -34.18
N TYR F 94 32.21 0.37 -33.34
CA TYR F 94 33.16 -0.71 -33.65
C TYR F 94 32.50 -2.00 -34.14
N THR F 95 31.37 -2.36 -33.53
CA THR F 95 30.67 -3.61 -33.88
C THR F 95 29.15 -3.46 -33.64
N SER F 96 28.33 -4.16 -34.41
CA SER F 96 26.87 -4.25 -34.10
C SER F 96 26.62 -5.39 -33.11
N ARG F 97 27.66 -6.21 -32.91
CA ARG F 97 27.54 -7.45 -32.15
C ARG F 97 27.89 -7.12 -30.68
N ILE F 98 26.83 -6.82 -29.92
CA ILE F 98 26.90 -6.26 -28.60
C ILE F 98 25.82 -6.92 -27.72
N GLU F 99 26.23 -7.44 -26.57
CA GLU F 99 25.32 -8.04 -25.60
C GLU F 99 25.62 -7.36 -24.27
N PRO F 100 24.82 -6.30 -23.92
CA PRO F 100 24.95 -5.65 -22.61
C PRO F 100 24.51 -6.60 -21.53
N LEU F 101 25.29 -6.68 -20.45
CA LEU F 101 24.94 -7.49 -19.31
C LEU F 101 24.25 -6.67 -18.22
N SER F 102 24.27 -5.35 -18.34
CA SER F 102 23.89 -4.45 -17.25
C SER F 102 24.22 -3.06 -17.73
N LEU F 103 23.98 -2.06 -16.90
CA LEU F 103 24.35 -0.69 -17.29
C LEU F 103 25.86 -0.48 -17.63
N ASP F 104 26.77 -1.13 -16.89
CA ASP F 104 28.22 -0.81 -16.95
C ASP F 104 29.10 -1.87 -17.68
N GLU F 105 28.53 -2.60 -18.61
CA GLU F 105 29.06 -3.89 -18.98
C GLU F 105 28.48 -4.36 -20.27
N ALA F 106 29.35 -4.73 -21.21
CA ALA F 106 28.90 -5.48 -22.37
C ALA F 106 29.94 -6.48 -22.84
N TYR F 107 29.48 -7.58 -23.43
CA TYR F 107 30.32 -8.43 -24.32
C TYR F 107 30.32 -7.84 -25.73
N LEU F 108 31.40 -8.08 -26.46
CA LEU F 108 31.51 -7.66 -27.84
C LEU F 108 32.13 -8.77 -28.68
N ASP F 109 31.46 -9.19 -29.75
CA ASP F 109 32.14 -10.09 -30.67
C ASP F 109 32.75 -9.25 -31.78
N VAL F 110 34.08 -9.34 -31.89
CA VAL F 110 34.87 -8.60 -32.89
C VAL F 110 35.65 -9.61 -33.76
N THR F 111 35.10 -10.80 -33.98
CA THR F 111 35.81 -11.78 -34.80
C THR F 111 35.94 -11.27 -36.25
N ASP F 112 34.91 -10.54 -36.72
CA ASP F 112 34.79 -10.11 -38.14
C ASP F 112 35.30 -8.69 -38.37
N SER F 113 35.52 -7.96 -37.30
CA SER F 113 35.79 -6.53 -37.43
C SER F 113 37.07 -6.29 -38.24
N VAL F 114 37.07 -5.16 -38.95
CA VAL F 114 38.26 -4.66 -39.61
C VAL F 114 38.53 -3.26 -39.09
N HIS F 115 38.93 -3.13 -37.83
CA HIS F 115 38.97 -1.81 -37.21
C HIS F 115 40.35 -1.35 -36.77
N CYS F 116 41.12 -2.24 -36.18
CA CYS F 116 42.52 -1.94 -35.91
C CYS F 116 43.28 -3.16 -36.41
N HIS F 117 43.06 -3.46 -37.69
CA HIS F 117 43.59 -4.66 -38.34
C HIS F 117 43.06 -5.92 -37.67
N GLY F 118 41.81 -5.85 -37.18
CA GLY F 118 41.20 -6.95 -36.44
C GLY F 118 41.99 -7.40 -35.22
N SER F 119 42.81 -6.51 -34.65
CA SER F 119 43.46 -6.74 -33.34
C SER F 119 42.49 -6.42 -32.16
N ALA F 120 41.99 -7.47 -31.52
CA ALA F 120 41.04 -7.32 -30.40
C ALA F 120 41.67 -6.43 -29.33
N THR F 121 42.91 -6.75 -28.99
CA THR F 121 43.74 -5.97 -28.09
C THR F 121 43.69 -4.49 -28.37
N LEU F 122 43.81 -4.11 -29.63
CA LEU F 122 43.86 -2.70 -29.93
C LEU F 122 42.42 -2.10 -29.96
N ILE F 123 41.45 -2.86 -30.44
CA ILE F 123 40.06 -2.39 -30.39
C ILE F 123 39.62 -2.16 -28.91
N ALA F 124 39.99 -3.06 -28.01
CA ALA F 124 39.72 -2.86 -26.58
C ALA F 124 40.40 -1.57 -26.06
N GLN F 125 41.71 -1.47 -26.34
CA GLN F 125 42.54 -0.34 -25.92
C GLN F 125 41.94 0.99 -26.37
N GLU F 126 41.34 1.01 -27.53
CA GLU F 126 40.82 2.28 -28.00
C GLU F 126 39.33 2.47 -27.64
N ILE F 127 38.64 1.40 -27.24
CA ILE F 127 37.31 1.56 -26.68
C ILE F 127 37.42 2.17 -25.27
N ARG F 128 38.34 1.66 -24.45
CA ARG F 128 38.60 2.22 -23.11
C ARG F 128 39.00 3.68 -23.19
N GLN F 129 39.94 3.96 -24.09
CA GLN F 129 40.20 5.31 -24.56
C GLN F 129 38.96 5.80 -25.31
N THR F 130 38.67 7.08 -25.25
CA THR F 130 37.41 7.62 -25.79
C THR F 130 36.26 7.37 -24.85
N ILE F 131 36.30 6.27 -24.10
CA ILE F 131 35.45 6.22 -22.91
C ILE F 131 35.98 7.25 -21.92
N PHE F 132 37.30 7.25 -21.73
CA PHE F 132 37.94 8.20 -20.83
C PHE F 132 37.85 9.61 -21.42
N ASN F 133 38.04 9.72 -22.73
CA ASN F 133 37.78 10.98 -23.43
C ASN F 133 36.29 11.04 -23.56
N GLU F 134 35.71 12.22 -23.44
CA GLU F 134 34.29 12.40 -23.78
C GLU F 134 33.30 11.85 -22.72
N LEU F 135 33.74 10.97 -21.82
CA LEU F 135 32.96 10.58 -20.65
C LEU F 135 33.66 10.86 -19.33
N GLN F 136 34.99 10.86 -19.31
CA GLN F 136 35.76 11.08 -18.07
C GLN F 136 35.74 9.88 -17.11
N LEU F 137 35.54 8.69 -17.65
CA LEU F 137 35.37 7.50 -16.83
C LEU F 137 36.36 6.43 -17.26
N THR F 138 36.85 5.65 -16.31
CA THR F 138 37.73 4.56 -16.66
C THR F 138 36.92 3.29 -16.78
N ALA F 139 37.29 2.51 -17.80
CA ALA F 139 36.82 1.17 -17.94
C ALA F 139 38.01 0.24 -17.93
N SER F 140 37.71 -1.05 -17.90
CA SER F 140 38.66 -2.14 -17.94
C SER F 140 38.12 -3.12 -18.97
N ALA F 141 39.02 -3.91 -19.55
CA ALA F 141 38.58 -4.93 -20.51
C ALA F 141 39.36 -6.22 -20.52
N GLY F 142 38.69 -7.23 -21.07
CA GLY F 142 39.23 -8.57 -21.18
C GLY F 142 38.97 -9.02 -22.62
N VAL F 143 40.02 -9.57 -23.26
CA VAL F 143 39.95 -10.13 -24.58
C VAL F 143 40.04 -11.63 -24.45
N ALA F 144 39.26 -12.37 -25.20
CA ALA F 144 39.42 -13.82 -25.08
C ALA F 144 38.76 -14.57 -26.26
N PRO F 145 39.06 -15.86 -26.39
CA PRO F 145 38.37 -16.68 -27.39
C PRO F 145 36.89 -16.93 -27.08
N VAL F 146 36.52 -16.87 -25.79
CA VAL F 146 35.14 -17.13 -25.31
C VAL F 146 34.70 -16.17 -24.22
N LYS F 147 33.38 -16.10 -24.02
CA LYS F 147 32.79 -15.06 -23.18
C LYS F 147 33.29 -15.10 -21.71
N PHE F 148 33.35 -16.28 -21.10
CA PHE F 148 33.72 -16.34 -19.69
C PHE F 148 35.19 -15.98 -19.41
N LEU F 149 36.10 -16.39 -20.32
CA LEU F 149 37.48 -15.93 -20.18
C LEU F 149 37.52 -14.44 -20.38
N ALA F 150 36.80 -13.93 -21.33
CA ALA F 150 36.75 -12.49 -21.48
C ALA F 150 36.37 -11.78 -20.19
N LYS F 151 35.36 -12.33 -19.46
CA LYS F 151 34.84 -11.72 -18.26
C LYS F 151 35.90 -11.75 -17.14
N ILE F 152 36.41 -12.95 -16.86
CA ILE F 152 37.50 -13.11 -15.89
C ILE F 152 38.70 -12.19 -16.22
N ALA F 153 39.11 -12.13 -17.49
CA ALA F 153 40.27 -11.27 -17.83
C ALA F 153 40.04 -9.78 -17.63
N SER F 154 38.79 -9.31 -17.74
CA SER F 154 38.47 -7.88 -17.57
C SER F 154 38.64 -7.37 -16.12
N ASP F 155 38.68 -8.31 -15.17
CA ASP F 155 38.95 -7.99 -13.76
C ASP F 155 40.47 -8.02 -13.43
N MET F 156 41.29 -8.67 -14.26
CA MET F 156 42.68 -8.93 -13.85
C MET F 156 43.66 -7.77 -13.79
N ASN F 157 43.34 -6.67 -14.47
CA ASN F 157 44.09 -5.44 -14.43
C ASN F 157 43.09 -4.33 -14.23
N LYS F 158 42.29 -4.43 -13.19
CA LYS F 158 41.27 -3.42 -12.92
C LYS F 158 41.74 -2.70 -11.68
N PRO F 159 41.58 -1.39 -11.59
CA PRO F 159 40.98 -0.44 -12.54
C PRO F 159 41.83 -0.06 -13.79
N ASN F 160 41.12 0.38 -14.82
CA ASN F 160 41.72 1.08 -15.96
C ASN F 160 42.86 0.31 -16.60
N GLY F 161 42.56 -0.89 -17.05
CA GLY F 161 43.57 -1.75 -17.68
C GLY F 161 42.88 -2.92 -18.34
N GLN F 162 43.62 -3.69 -19.11
CA GLN F 162 43.05 -4.82 -19.78
C GLN F 162 44.00 -6.00 -19.75
N PHE F 163 43.54 -7.11 -20.33
CA PHE F 163 44.29 -8.34 -20.28
C PHE F 163 43.74 -9.29 -21.33
N VAL F 164 44.65 -10.04 -21.96
CA VAL F 164 44.36 -10.80 -23.17
C VAL F 164 44.73 -12.28 -22.92
N ILE F 165 43.87 -13.18 -23.36
CA ILE F 165 44.11 -14.60 -23.31
C ILE F 165 43.94 -15.10 -24.78
N THR F 166 45.06 -15.45 -25.37
CA THR F 166 45.04 -16.08 -26.66
C THR F 166 44.65 -17.53 -26.43
N PRO F 167 44.18 -18.18 -27.51
CA PRO F 167 43.98 -19.64 -27.55
C PRO F 167 45.13 -20.49 -26.97
N ALA F 168 46.37 -20.18 -27.34
CA ALA F 168 47.55 -20.90 -26.82
C ALA F 168 47.69 -20.81 -25.29
N GLU F 169 47.42 -19.63 -24.74
CA GLU F 169 47.53 -19.41 -23.30
C GLU F 169 46.45 -20.15 -22.46
N VAL F 170 45.30 -20.43 -23.06
CA VAL F 170 44.13 -20.88 -22.31
C VAL F 170 44.41 -22.07 -21.38
N PRO F 171 45.10 -23.10 -21.83
CA PRO F 171 45.27 -24.26 -20.92
C PRO F 171 46.11 -24.00 -19.64
N ALA F 172 47.23 -23.27 -19.80
CA ALA F 172 48.07 -22.81 -18.67
C ALA F 172 47.24 -21.93 -17.73
N PHE F 173 46.40 -21.08 -18.30
CA PHE F 173 45.53 -20.19 -17.53
C PHE F 173 44.52 -20.98 -16.71
N LEU F 174 44.00 -22.03 -17.33
CA LEU F 174 42.93 -22.84 -16.77
C LEU F 174 43.39 -23.72 -15.57
N GLN F 175 44.47 -24.46 -15.74
CA GLN F 175 45.03 -25.30 -14.69
C GLN F 175 44.84 -24.82 -13.25
N THR F 176 45.13 -23.54 -13.03
CA THR F 176 45.24 -22.93 -11.71
C THR F 176 44.02 -21.99 -11.39
N LEU F 177 43.04 -22.01 -12.27
CA LEU F 177 41.97 -21.04 -12.18
C LEU F 177 41.00 -21.51 -11.06
N PRO F 178 40.94 -20.75 -9.97
CA PRO F 178 39.98 -21.21 -8.95
C PRO F 178 38.57 -21.24 -9.54
N LEU F 179 37.92 -22.37 -9.42
CA LEU F 179 36.51 -22.46 -9.81
C LEU F 179 35.63 -21.30 -9.40
N ALA F 180 35.93 -20.66 -8.27
CA ALA F 180 35.10 -19.55 -7.77
C ALA F 180 35.16 -18.32 -8.67
N LYS F 181 36.21 -18.23 -9.50
CA LYS F 181 36.35 -17.17 -10.50
C LYS F 181 35.42 -17.36 -11.69
N ILE F 182 34.93 -18.57 -11.93
CA ILE F 182 34.00 -18.78 -13.03
C ILE F 182 32.62 -18.16 -12.77
N PRO F 183 32.16 -17.22 -13.62
CA PRO F 183 30.82 -16.62 -13.44
C PRO F 183 29.74 -17.68 -13.27
N GLY F 184 28.79 -17.45 -12.36
CA GLY F 184 27.82 -18.49 -12.01
C GLY F 184 28.33 -19.46 -10.96
N VAL F 185 29.60 -19.36 -10.54
CA VAL F 185 30.07 -20.18 -9.43
C VAL F 185 30.18 -19.26 -8.23
N GLY F 186 29.16 -19.35 -7.36
CA GLY F 186 29.02 -18.46 -6.22
C GLY F 186 29.40 -19.20 -4.97
N LYS F 187 28.96 -18.67 -3.82
CA LYS F 187 29.49 -19.19 -2.56
C LYS F 187 29.01 -20.61 -2.23
N VAL F 188 27.76 -20.90 -2.54
CA VAL F 188 27.24 -22.23 -2.29
C VAL F 188 27.87 -23.24 -3.25
N SER F 189 27.92 -22.93 -4.53
CA SER F 189 28.57 -23.87 -5.48
C SER F 189 30.04 -24.08 -5.13
N ALA F 190 30.76 -22.99 -4.87
CA ALA F 190 32.19 -23.06 -4.53
C ALA F 190 32.43 -23.90 -3.28
N ALA F 191 31.64 -23.63 -2.23
CA ALA F 191 31.65 -24.51 -1.03
C ALA F 191 31.20 -25.96 -1.33
N LYS F 192 30.26 -26.21 -2.21
CA LYS F 192 29.97 -27.61 -2.45
C LYS F 192 31.14 -28.31 -3.21
N LEU F 193 31.82 -27.60 -4.11
CA LEU F 193 32.96 -28.16 -4.88
C LEU F 193 34.17 -28.47 -3.98
N GLU F 194 34.56 -27.47 -3.20
CA GLU F 194 35.55 -27.56 -2.13
C GLU F 194 35.39 -28.83 -1.30
N ALA F 195 34.15 -29.19 -0.99
CA ALA F 195 33.88 -30.42 -0.24
C ALA F 195 34.33 -31.66 -0.98
N MET F 196 34.30 -31.63 -2.31
CA MET F 196 34.77 -32.76 -3.13
C MET F 196 36.24 -32.67 -3.59
N GLY F 197 37.08 -31.91 -2.90
CA GLY F 197 38.46 -31.71 -3.35
C GLY F 197 38.59 -30.91 -4.65
N LEU F 198 37.52 -30.25 -5.10
CA LEU F 198 37.54 -29.46 -6.33
C LEU F 198 37.70 -27.98 -6.05
N ARG F 199 38.91 -27.45 -6.24
CA ARG F 199 39.16 -26.01 -6.06
C ARG F 199 39.46 -25.26 -7.38
N THR F 200 40.00 -25.96 -8.36
CA THR F 200 40.40 -25.33 -9.65
C THR F 200 39.84 -26.05 -10.86
N CYS F 201 39.85 -25.40 -12.02
CA CYS F 201 39.60 -26.14 -13.28
C CYS F 201 40.64 -27.25 -13.49
N GLY F 202 41.82 -27.07 -12.92
CA GLY F 202 42.80 -28.16 -12.85
C GLY F 202 42.12 -29.39 -12.27
N ASP F 203 41.59 -29.22 -11.04
CA ASP F 203 40.96 -30.31 -10.27
C ASP F 203 39.80 -30.94 -11.04
N VAL F 204 39.06 -30.08 -11.74
CA VAL F 204 37.84 -30.46 -12.45
C VAL F 204 38.12 -31.25 -13.73
N GLN F 205 39.22 -30.96 -14.41
CA GLN F 205 39.60 -31.76 -15.58
C GLN F 205 39.81 -33.23 -15.22
N LYS F 206 40.39 -33.52 -14.06
CA LYS F 206 40.68 -34.91 -13.67
C LYS F 206 39.44 -35.71 -13.19
N CYS F 207 38.23 -35.26 -13.50
CA CYS F 207 36.99 -35.72 -12.82
C CYS F 207 35.99 -36.42 -13.76
N ASP F 208 35.38 -37.51 -13.30
CA ASP F 208 34.33 -38.21 -14.08
C ASP F 208 33.12 -37.28 -14.31
N LEU F 209 32.72 -37.12 -15.57
CA LEU F 209 31.70 -36.18 -15.98
C LEU F 209 30.30 -36.61 -15.48
N VAL F 210 30.13 -37.91 -15.30
CA VAL F 210 28.87 -38.50 -14.82
C VAL F 210 28.61 -38.06 -13.39
N MET F 211 29.63 -38.19 -12.53
CA MET F 211 29.52 -37.68 -11.15
C MET F 211 29.08 -36.24 -11.18
N LEU F 212 29.66 -35.44 -12.06
CA LEU F 212 29.34 -34.01 -12.09
C LEU F 212 27.92 -33.81 -12.56
N LEU F 213 27.47 -34.66 -13.47
CA LEU F 213 26.08 -34.58 -13.89
C LEU F 213 25.10 -35.04 -12.79
N LYS F 214 25.52 -36.02 -11.98
CA LYS F 214 24.69 -36.47 -10.85
C LYS F 214 24.57 -35.41 -9.76
N ARG F 215 25.72 -34.93 -9.31
CA ARG F 215 25.81 -34.03 -8.16
C ARG F 215 25.42 -32.58 -8.46
N PHE F 216 25.35 -32.21 -9.74
CA PHE F 216 24.92 -30.87 -10.16
C PHE F 216 24.10 -31.14 -11.41
N GLY F 217 23.35 -30.17 -11.88
CA GLY F 217 22.50 -30.46 -13.04
C GLY F 217 23.19 -30.02 -14.31
N LYS F 218 22.40 -29.39 -15.17
CA LYS F 218 22.94 -28.50 -16.17
C LYS F 218 24.34 -27.88 -15.76
N PHE F 219 24.43 -27.39 -14.52
CA PHE F 219 25.63 -26.72 -14.00
C PHE F 219 26.87 -27.64 -13.97
N GLY F 220 26.69 -28.90 -13.66
CA GLY F 220 27.76 -29.87 -13.67
C GLY F 220 28.35 -30.00 -15.07
N ARG F 221 27.50 -29.96 -16.11
CA ARG F 221 27.94 -29.99 -17.51
C ARG F 221 28.75 -28.73 -17.85
N ILE F 222 28.15 -27.57 -17.62
CA ILE F 222 28.76 -26.24 -17.82
C ILE F 222 30.12 -26.17 -17.17
N LEU F 223 30.16 -26.59 -15.91
CA LEU F 223 31.39 -26.58 -15.14
C LEU F 223 32.47 -27.43 -15.83
N TRP F 224 32.09 -28.59 -16.36
CA TRP F 224 33.06 -29.49 -16.97
C TRP F 224 33.69 -28.85 -18.24
N GLU F 225 32.84 -28.14 -18.97
CA GLU F 225 33.20 -27.44 -20.18
C GLU F 225 34.12 -26.25 -20.00
N ARG F 226 33.64 -25.25 -19.30
CA ARG F 226 34.42 -24.06 -18.99
C ARG F 226 35.77 -24.40 -18.38
N SER F 227 35.82 -25.45 -17.56
CA SER F 227 37.08 -25.98 -17.04
C SER F 227 38.05 -26.48 -18.16
N GLN F 228 37.53 -26.56 -19.38
CA GLN F 228 38.21 -27.08 -20.53
C GLN F 228 38.29 -26.04 -21.63
N GLY F 229 37.86 -24.81 -21.37
CA GLY F 229 37.88 -23.74 -22.38
C GLY F 229 36.61 -23.57 -23.20
N ILE F 230 35.79 -24.60 -23.24
CA ILE F 230 34.61 -24.58 -24.09
C ILE F 230 33.51 -23.69 -23.48
N ASP F 231 33.00 -22.81 -24.33
CA ASP F 231 31.97 -21.92 -23.97
C ASP F 231 31.43 -21.28 -25.23
N GLU F 232 30.36 -21.84 -25.82
CA GLU F 232 29.74 -21.19 -26.97
C GLU F 232 28.61 -20.27 -26.57
N ARG F 233 28.30 -19.36 -27.49
CA ARG F 233 27.25 -18.36 -27.37
C ARG F 233 27.89 -17.08 -27.74
N ASP F 234 27.10 -16.15 -28.23
CA ASP F 234 27.60 -14.95 -28.85
C ASP F 234 26.74 -13.84 -28.37
N VAL F 235 27.01 -12.64 -28.81
CA VAL F 235 26.22 -11.50 -28.38
C VAL F 235 24.76 -11.52 -28.89
N ASN F 236 24.00 -10.44 -28.65
CA ASN F 236 22.56 -10.43 -28.84
C ASN F 236 21.91 -9.04 -29.07
N SER F 237 22.12 -8.09 -28.17
CA SER F 237 21.63 -6.68 -28.28
C SER F 237 20.16 -6.39 -28.60
N GLU F 238 19.42 -7.39 -29.10
CA GLU F 238 18.00 -7.23 -29.42
C GLU F 238 17.05 -7.21 -28.19
N ARG F 239 17.59 -6.95 -26.99
CA ARG F 239 17.00 -7.47 -25.73
C ARG F 239 16.64 -6.43 -24.63
N LEU F 240 15.34 -6.33 -24.27
CA LEU F 240 14.82 -5.34 -23.26
C LEU F 240 14.58 -5.92 -21.83
N ARG F 241 13.61 -6.83 -21.68
CA ARG F 241 13.33 -7.55 -20.41
C ARG F 241 12.36 -8.73 -20.57
N LYS F 242 12.37 -9.65 -19.61
CA LYS F 242 11.47 -10.80 -19.60
C LYS F 242 10.44 -10.73 -18.38
N SER F 243 10.78 -9.93 -17.38
CA SER F 243 9.87 -9.64 -16.26
C SER F 243 10.09 -8.26 -15.69
N VAL F 244 9.12 -7.79 -14.92
CA VAL F 244 9.13 -6.47 -14.30
C VAL F 244 8.52 -6.54 -12.90
N GLY F 245 9.19 -5.94 -11.90
CA GLY F 245 8.75 -6.02 -10.50
C GLY F 245 8.93 -4.69 -9.81
N VAL F 246 8.14 -4.44 -8.76
CA VAL F 246 8.48 -3.35 -7.84
C VAL F 246 8.30 -3.91 -6.45
N GLU F 247 9.22 -3.56 -5.56
CA GLU F 247 9.15 -4.01 -4.16
C GLU F 247 9.78 -2.99 -3.22
N ARG F 248 9.30 -2.94 -1.98
CA ARG F 248 9.92 -2.09 -0.97
C ARG F 248 10.10 -2.79 0.36
N THR F 249 11.27 -2.54 0.96
CA THR F 249 11.54 -2.92 2.33
C THR F 249 11.17 -1.71 3.21
N MET F 250 10.22 -1.90 4.13
CA MET F 250 9.75 -0.81 4.98
C MET F 250 10.71 -0.68 6.16
N ALA F 251 10.90 0.52 6.68
CA ALA F 251 11.74 0.79 7.85
C ALA F 251 11.35 0.03 9.14
N GLU F 252 10.09 -0.35 9.25
CA GLU F 252 9.63 -1.23 10.35
C GLU F 252 8.79 -2.34 9.77
N ASP F 253 8.86 -3.52 10.32
CA ASP F 253 7.93 -4.59 9.95
C ASP F 253 6.45 -4.21 10.16
N ILE F 254 5.59 -4.82 9.33
CA ILE F 254 4.15 -4.62 9.41
C ILE F 254 3.44 -5.87 9.96
N HIS F 255 2.36 -5.65 10.68
CA HIS F 255 1.58 -6.72 11.32
C HIS F 255 0.06 -6.70 11.05
N HIS F 256 -0.43 -5.65 10.40
CA HIS F 256 -1.85 -5.49 10.01
C HIS F 256 -1.97 -5.58 8.47
N TRP F 257 -2.97 -6.32 7.99
CA TRP F 257 -3.28 -6.38 6.58
C TRP F 257 -3.56 -5.04 5.84
N SER F 258 -4.21 -4.12 6.49
CA SER F 258 -4.40 -2.81 5.86
C SER F 258 -3.07 -2.10 5.56
N GLU F 259 -2.00 -2.48 6.25
CA GLU F 259 -0.69 -1.84 6.03
C GLU F 259 -0.13 -2.38 4.73
N CYS F 260 -0.22 -3.69 4.59
CA CYS F 260 0.11 -4.39 3.37
C CYS F 260 -0.69 -3.84 2.23
N GLU F 261 -2.01 -3.80 2.39
CA GLU F 261 -2.85 -3.26 1.34
C GLU F 261 -2.50 -1.84 0.98
N ALA F 262 -2.28 -0.97 1.97
CA ALA F 262 -1.94 0.43 1.62
C ALA F 262 -0.60 0.55 0.78
N ILE F 263 0.35 -0.33 1.09
CA ILE F 263 1.63 -0.32 0.40
C ILE F 263 1.46 -0.87 -1.03
N ILE F 264 0.61 -1.87 -1.19
CA ILE F 264 0.27 -2.33 -2.53
C ILE F 264 -0.29 -1.20 -3.44
N GLU F 265 -1.33 -0.51 -2.95
CA GLU F 265 -1.94 0.62 -3.69
C GLU F 265 -0.87 1.64 -4.06
N ARG F 266 0.17 1.73 -3.21
CA ARG F 266 1.26 2.66 -3.46
C ARG F 266 2.30 2.12 -4.43
N LEU F 267 2.54 0.82 -4.44
CA LEU F 267 3.47 0.16 -5.41
C LEU F 267 2.89 0.07 -6.82
N TYR F 268 1.57 -0.10 -6.89
CA TYR F 268 0.91 -0.45 -8.15
C TYR F 268 1.03 0.58 -9.27
N PRO F 269 0.86 1.88 -8.94
CA PRO F 269 0.97 2.88 -10.02
C PRO F 269 2.34 2.79 -10.72
N GLU F 270 3.39 2.57 -9.92
CA GLU F 270 4.77 2.44 -10.45
C GLU F 270 4.95 1.16 -11.28
N LEU F 271 4.46 0.03 -10.84
CA LEU F 271 4.54 -1.16 -11.70
C LEU F 271 3.80 -0.93 -13.05
N GLU F 272 2.62 -0.32 -12.98
CA GLU F 272 1.84 0.05 -14.16
C GLU F 272 2.59 0.99 -15.10
N ARG F 273 3.17 2.06 -14.54
CA ARG F 273 3.95 3.04 -15.29
C ARG F 273 5.17 2.40 -15.96
N ARG F 274 5.90 1.55 -15.23
CA ARG F 274 7.06 0.81 -15.81
C ARG F 274 6.68 -0.20 -16.88
N LEU F 275 5.61 -0.97 -16.66
CA LEU F 275 5.14 -1.97 -17.66
C LEU F 275 4.59 -1.30 -18.92
N ALA F 276 4.10 -0.06 -18.76
CA ALA F 276 3.55 0.73 -19.88
C ALA F 276 4.63 1.01 -20.88
N LYS F 277 5.79 1.44 -20.38
CA LYS F 277 6.92 1.80 -21.25
C LYS F 277 7.13 0.69 -22.27
N VAL F 278 7.38 -0.52 -21.77
CA VAL F 278 7.80 -1.63 -22.63
C VAL F 278 6.64 -2.32 -23.33
N LYS F 279 5.49 -2.43 -22.68
CA LYS F 279 4.31 -2.95 -23.36
C LYS F 279 3.06 -2.10 -23.13
N PRO F 280 2.82 -1.09 -24.00
CA PRO F 280 1.76 -0.04 -23.85
C PRO F 280 0.34 -0.49 -23.45
N ASP F 281 0.03 -1.77 -23.69
CA ASP F 281 -1.32 -2.32 -23.52
C ASP F 281 -1.47 -3.22 -22.27
N LEU F 282 -0.37 -3.41 -21.54
CA LEU F 282 -0.35 -4.09 -20.22
C LEU F 282 -0.72 -5.54 -20.28
N LEU F 283 -0.71 -6.12 -21.48
CA LEU F 283 -1.03 -7.54 -21.60
C LEU F 283 0.22 -8.31 -21.17
N ILE F 284 0.01 -9.48 -20.55
CA ILE F 284 1.05 -10.21 -19.81
C ILE F 284 0.77 -11.73 -19.74
N ALA F 285 1.69 -12.51 -19.17
CA ALA F 285 1.55 -13.97 -19.08
C ALA F 285 1.12 -14.40 -17.70
N ARG F 286 1.83 -13.86 -16.69
CA ARG F 286 1.59 -14.14 -15.26
C ARG F 286 1.67 -12.81 -14.54
N GLN F 287 0.98 -12.71 -13.39
CA GLN F 287 1.24 -11.62 -12.40
C GLN F 287 1.16 -12.14 -10.98
N GLY F 288 1.69 -11.36 -10.03
CA GLY F 288 1.83 -11.90 -8.71
C GLY F 288 2.45 -10.97 -7.74
N VAL F 289 2.67 -11.51 -6.55
CA VAL F 289 3.23 -10.72 -5.46
C VAL F 289 4.22 -11.50 -4.65
N LYS F 290 4.97 -10.75 -3.87
CA LYS F 290 5.97 -11.32 -2.98
C LYS F 290 5.87 -10.65 -1.62
N LEU F 291 6.01 -11.47 -0.57
CA LEU F 291 6.13 -11.04 0.82
C LEU F 291 7.45 -11.54 1.39
N LYS F 292 8.09 -10.73 2.22
CA LYS F 292 9.28 -11.19 2.93
C LYS F 292 9.09 -10.87 4.38
N PHE F 293 9.34 -11.88 5.23
CA PHE F 293 8.98 -11.81 6.65
C PHE F 293 10.17 -11.43 7.54
N ASP F 294 9.90 -11.33 8.84
CA ASP F 294 10.91 -10.89 9.82
C ASP F 294 12.11 -11.80 9.89
N ASP F 295 11.91 -13.09 9.61
CA ASP F 295 12.97 -14.11 9.70
C ASP F 295 13.76 -14.20 8.36
N PHE F 296 13.57 -13.18 7.54
CA PHE F 296 14.16 -13.06 6.23
C PHE F 296 13.71 -14.09 5.25
N GLN F 297 12.75 -14.95 5.61
CA GLN F 297 12.13 -15.82 4.58
C GLN F 297 11.28 -15.00 3.60
N GLN F 298 11.06 -15.53 2.42
CA GLN F 298 10.19 -14.87 1.48
C GLN F 298 9.41 -15.88 0.69
N THR F 299 8.26 -15.44 0.18
CA THR F 299 7.42 -16.30 -0.63
C THR F 299 6.87 -15.46 -1.77
N THR F 300 6.62 -16.13 -2.90
CA THR F 300 6.01 -15.52 -4.07
C THR F 300 4.74 -16.31 -4.33
N GLN F 301 3.69 -15.60 -4.76
CA GLN F 301 2.45 -16.22 -5.23
C GLN F 301 2.10 -15.48 -6.48
N GLU F 302 2.11 -16.21 -7.59
CA GLU F 302 1.70 -15.67 -8.88
C GLU F 302 1.01 -16.70 -9.75
N HIS F 303 0.26 -16.21 -10.71
CA HIS F 303 -0.62 -17.07 -11.50
C HIS F 303 -0.74 -16.54 -12.94
N VAL F 304 -1.09 -17.42 -13.89
CA VAL F 304 -1.37 -16.98 -15.27
C VAL F 304 -2.40 -15.89 -15.18
N TRP F 305 -2.26 -14.87 -15.99
CA TRP F 305 -3.21 -13.74 -15.97
C TRP F 305 -3.00 -12.89 -17.23
N PRO F 306 -4.12 -12.52 -17.90
CA PRO F 306 -3.99 -11.97 -19.25
C PRO F 306 -3.45 -10.56 -19.28
N ARG F 307 -3.81 -9.76 -18.27
CA ARG F 307 -3.55 -8.32 -18.26
C ARG F 307 -3.22 -7.89 -16.83
N LEU F 308 -2.39 -6.85 -16.70
CA LEU F 308 -1.99 -6.32 -15.38
C LEU F 308 -3.25 -5.82 -14.70
N ASN F 309 -3.43 -6.15 -13.41
CA ASN F 309 -4.72 -5.93 -12.72
C ASN F 309 -4.58 -5.76 -11.19
N LYS F 310 -4.75 -4.52 -10.72
CA LYS F 310 -4.57 -4.15 -9.30
C LYS F 310 -5.45 -4.93 -8.32
N ALA F 311 -6.73 -5.10 -8.63
CA ALA F 311 -7.61 -5.84 -7.74
C ALA F 311 -7.16 -7.28 -7.62
N ASP F 312 -6.70 -7.89 -8.72
CA ASP F 312 -6.27 -9.30 -8.67
C ASP F 312 -4.99 -9.45 -7.81
N LEU F 313 -4.06 -8.52 -7.95
CA LEU F 313 -2.90 -8.45 -7.05
C LEU F 313 -3.33 -8.34 -5.55
N ILE F 314 -4.31 -7.47 -5.28
CA ILE F 314 -4.74 -7.31 -3.88
C ILE F 314 -5.30 -8.61 -3.35
N ALA F 315 -6.19 -9.19 -4.11
CA ALA F 315 -6.76 -10.49 -3.77
C ALA F 315 -5.63 -11.53 -3.54
N THR F 316 -4.75 -11.74 -4.52
CA THR F 316 -3.58 -12.61 -4.34
C THR F 316 -2.76 -12.30 -3.07
N ALA F 317 -2.51 -11.02 -2.83
CA ALA F 317 -1.85 -10.58 -1.59
C ALA F 317 -2.65 -10.98 -0.30
N ARG F 318 -3.97 -10.89 -0.35
CA ARG F 318 -4.78 -11.28 0.80
C ARG F 318 -4.55 -12.73 1.14
N LYS F 319 -4.57 -13.58 0.12
CA LYS F 319 -4.36 -15.03 0.25
C LYS F 319 -2.96 -15.42 0.71
N THR F 320 -1.96 -14.68 0.24
CA THR F 320 -0.60 -14.96 0.62
C THR F 320 -0.48 -14.57 2.09
N TRP F 321 -0.95 -13.35 2.38
CA TRP F 321 -0.92 -12.81 3.76
C TRP F 321 -1.68 -13.74 4.72
N ASP F 322 -2.85 -14.26 4.35
CA ASP F 322 -3.58 -15.17 5.26
C ASP F 322 -3.00 -16.58 5.33
N GLU F 323 -2.42 -17.10 4.27
CA GLU F 323 -2.05 -18.52 4.28
C GLU F 323 -0.57 -18.77 4.63
N ARG F 324 0.30 -17.81 4.39
CA ARG F 324 1.77 -18.07 4.51
C ARG F 324 2.45 -17.33 5.60
N ARG F 325 1.87 -16.21 6.02
CA ARG F 325 2.51 -15.35 6.99
C ARG F 325 2.72 -16.05 8.35
N GLY F 326 1.88 -17.02 8.67
CA GLY F 326 1.97 -17.69 9.96
C GLY F 326 2.35 -16.79 11.12
N GLY F 327 1.71 -15.62 11.25
CA GLY F 327 1.91 -14.75 12.46
C GLY F 327 3.08 -13.76 12.45
N ARG F 328 4.02 -13.94 11.54
CA ARG F 328 5.20 -13.10 11.45
C ARG F 328 4.93 -11.71 10.92
N GLY F 329 5.77 -10.75 11.32
CA GLY F 329 5.80 -9.48 10.66
C GLY F 329 6.36 -9.63 9.24
N VAL F 330 6.11 -8.60 8.44
CA VAL F 330 6.45 -8.56 7.06
C VAL F 330 7.39 -7.35 6.88
N ARG F 331 8.56 -7.61 6.31
CA ARG F 331 9.52 -6.51 6.14
C ARG F 331 9.49 -5.91 4.77
N LEU F 332 8.92 -6.63 3.82
CA LEU F 332 8.95 -6.20 2.46
C LEU F 332 7.75 -6.68 1.76
N VAL F 333 7.25 -5.85 0.86
CA VAL F 333 6.27 -6.37 -0.11
C VAL F 333 6.56 -5.95 -1.56
N GLY F 334 6.22 -6.84 -2.48
CA GLY F 334 6.47 -6.63 -3.92
C GLY F 334 5.43 -7.15 -4.87
N LEU F 335 5.28 -6.47 -6.01
CA LEU F 335 4.49 -6.96 -7.15
C LEU F 335 5.40 -7.33 -8.38
N HIS F 336 5.00 -8.37 -9.09
CA HIS F 336 5.72 -8.94 -10.20
C HIS F 336 4.80 -9.34 -11.38
N VAL F 337 5.30 -9.11 -12.60
CA VAL F 337 4.72 -9.66 -13.84
C VAL F 337 5.80 -10.32 -14.68
N THR F 338 5.39 -11.41 -15.33
CA THR F 338 6.21 -12.04 -16.31
C THR F 338 5.56 -11.60 -17.62
N LEU F 339 6.39 -11.13 -18.56
CA LEU F 339 5.95 -10.76 -19.94
C LEU F 339 5.57 -11.97 -20.76
N LEU F 340 4.93 -11.73 -21.90
CA LEU F 340 4.69 -12.81 -22.90
C LEU F 340 6.00 -13.08 -23.70
N ASP F 341 6.03 -14.26 -24.32
CA ASP F 341 7.25 -14.90 -24.86
C ASP F 341 7.82 -14.34 -26.19
N PRO F 342 6.96 -14.15 -27.22
CA PRO F 342 7.50 -13.89 -28.58
C PRO F 342 7.66 -12.39 -28.97
#